data_1C96
#
_entry.id   1C96
#
_cell.length_a   176.1
_cell.length_b   71.4
_cell.length_c   71.8
_cell.angle_alpha   90
_cell.angle_beta   90
_cell.angle_gamma   90
#
_symmetry.space_group_name_H-M   'P 21 21 2'
#
loop_
_entity.id
_entity.type
_entity.pdbx_description
1 polymer 'MITOCHONDRIAL ACONITASE'
2 non-polymer 'CITRATE ANION'
3 non-polymer 'IRON/SULFUR CLUSTER'
4 non-polymer 'OXYGEN ATOM'
5 water water
#
_entity_poly.entity_id   1
_entity_poly.type   'polypeptide(L)'
_entity_poly.pdbx_seq_one_letter_code
;RAKVAMSHFEPHEYIRYDLLEKNIDIVRKRLNRPLTLSEKIVYGHLDDPANQEIERGKTYLRLRPDRVAMQDATAQMAML
QFISSGLPKVAVPSTIHCDHLIEAQLGGEKDLRRAKDINQEVYNFLATAGAKYGVGFWRPGSGIIHQIILENYAYPGVLL
IGTDSHTPNGGGLGGICIGVGGADAVDVMAGIPWELKCPKVIGVKLTGSLSGWTSPKDVILKVAGILTVKGGTGAIVEYH
GPGVDSISCTGMATICNMGAEIGATTSVFPYNHRMKKYLSKTGRADIANLADEFKDHLVPDPGCHYDQVIEINLSELKPH
INGPFTPDLAHPVAEVGSVAEKEGWPLDIRVGLIGSCTNSSYEDMGRSAAVAKQALAHGLKCKSQFTITPGSEQIRATIE
RDGYAQVLRDVGGIVLANACGPCIGQWDRKDIKKGEKNTIVTSYNRNFTGRNDANPETHAFVTSPEIVTALAIAGTLKFN
PETDFLTGKDGKKFKLEAPDADELPRAEFDPGQDTYQHPPKDSSGQRVAVSPTSQRLQLLEPFDKWDGKDLEDLQILIKV
KGKCTTDHISAAGPWLKFRGHLDNISNNLLIGAINIENRKANSVRNAVTQEFGPVPDTARYYKQHGIRWVVIGDENYGEG
ASREHSALEPRHLGGRAIITKSFARIHETNLKKQGLLPLTFADPADYNKIHPVDKLTIQGLKDFAPGKPLKCIIKHPNGT
QETILLNHTFNETQIEWFRAGSALNRMKELQQK
;
_entity_poly.pdbx_strand_id   A
#
loop_
_chem_comp.id
_chem_comp.type
_chem_comp.name
_chem_comp.formula
FLC non-polymer 'CITRATE ANION' 'C6 H5 O7 -3'
O non-polymer 'OXYGEN ATOM' O
SF4 non-polymer 'IRON/SULFUR CLUSTER' 'Fe4 S4'
#
# COMPACT_ATOMS: atom_id res chain seq x y z
N ARG A 1 17.30 -4.63 32.54
CA ARG A 1 16.44 -4.82 31.39
C ARG A 1 15.07 -4.23 31.67
N ALA A 2 14.64 -3.36 30.74
CA ALA A 2 13.36 -2.67 30.83
C ALA A 2 12.23 -3.56 30.34
N LYS A 3 11.05 -3.39 30.93
CA LYS A 3 9.82 -4.11 30.64
C LYS A 3 8.70 -3.13 30.31
N VAL A 4 8.82 -2.63 29.06
CA VAL A 4 7.95 -1.63 28.46
C VAL A 4 7.19 -2.41 27.38
N ALA A 5 5.87 -2.50 27.51
CA ALA A 5 5.05 -3.20 26.56
C ALA A 5 4.92 -2.53 25.25
N MET A 6 4.93 -3.36 24.24
CA MET A 6 4.70 -3.03 22.84
C MET A 6 3.47 -2.19 22.52
N SER A 7 2.36 -2.41 23.20
CA SER A 7 1.15 -1.64 23.02
C SER A 7 0.31 -1.74 24.27
N HIS A 8 -0.79 -1.01 24.32
CA HIS A 8 -1.72 -1.13 25.42
C HIS A 8 -2.52 -2.43 25.45
N PHE A 9 -2.44 -3.23 24.39
CA PHE A 9 -3.19 -4.46 24.19
C PHE A 9 -2.36 -5.70 24.47
N GLU A 10 -1.01 -5.63 24.48
CA GLU A 10 -0.14 -6.78 24.75
C GLU A 10 0.89 -6.39 25.80
N PRO A 11 0.43 -6.36 27.06
CA PRO A 11 1.20 -5.99 28.24
C PRO A 11 2.31 -6.90 28.72
N HIS A 12 2.26 -8.11 28.21
CA HIS A 12 3.15 -9.23 28.44
C HIS A 12 4.20 -9.31 27.32
N GLU A 13 4.07 -8.51 26.22
CA GLU A 13 5.01 -8.43 25.09
C GLU A 13 5.80 -7.13 25.12
N TYR A 14 7.09 -7.27 25.44
CA TYR A 14 7.98 -6.15 25.61
C TYR A 14 8.78 -5.79 24.37
N ILE A 15 9.11 -4.49 24.33
CA ILE A 15 10.03 -3.94 23.36
C ILE A 15 11.45 -4.44 23.70
N ARG A 16 12.05 -4.91 22.61
CA ARG A 16 13.38 -5.51 22.63
C ARG A 16 14.49 -4.67 22.05
N TYR A 17 14.80 -3.56 22.68
CA TYR A 17 15.85 -2.70 22.17
C TYR A 17 17.18 -3.24 22.54
N ASP A 18 17.23 -4.03 23.59
CA ASP A 18 18.46 -4.73 23.93
C ASP A 18 18.80 -5.80 22.91
N LEU A 19 17.83 -6.49 22.34
CA LEU A 19 18.12 -7.39 21.25
C LEU A 19 18.57 -6.69 20.00
N LEU A 20 17.91 -5.57 19.65
CA LEU A 20 18.26 -4.73 18.53
C LEU A 20 19.72 -4.27 18.64
N GLU A 21 20.09 -3.68 19.78
CA GLU A 21 21.45 -3.23 20.05
C GLU A 21 22.48 -4.35 20.01
N LYS A 22 22.05 -5.48 20.57
CA LYS A 22 22.87 -6.66 20.54
C LYS A 22 23.18 -7.06 19.13
N ASN A 23 22.21 -6.99 18.23
CA ASN A 23 22.44 -7.43 16.87
C ASN A 23 23.09 -6.38 16.01
N ILE A 24 22.84 -5.08 16.24
CA ILE A 24 23.51 -3.99 15.52
C ILE A 24 24.98 -4.07 15.84
N ASP A 25 25.35 -4.40 17.08
CA ASP A 25 26.75 -4.44 17.42
C ASP A 25 27.43 -5.61 16.77
N ILE A 26 26.80 -6.75 16.71
CA ILE A 26 27.35 -7.88 15.98
C ILE A 26 27.57 -7.53 14.49
N VAL A 27 26.63 -6.87 13.83
CA VAL A 27 26.69 -6.61 12.43
C VAL A 27 27.69 -5.50 12.14
N ARG A 28 27.75 -4.36 12.87
CA ARG A 28 28.79 -3.37 12.50
C ARG A 28 30.21 -3.91 12.82
N LYS A 29 30.37 -4.89 13.72
CA LYS A 29 31.65 -5.56 13.93
C LYS A 29 32.03 -6.34 12.67
N ARG A 30 31.07 -6.84 11.90
CA ARG A 30 31.37 -7.50 10.66
C ARG A 30 31.53 -6.50 9.51
N LEU A 31 30.70 -5.43 9.42
CA LEU A 31 30.70 -4.54 8.26
C LEU A 31 31.70 -3.43 8.38
N ASN A 32 32.05 -3.05 9.61
CA ASN A 32 32.99 -1.97 9.92
C ASN A 32 32.79 -0.61 9.22
N ARG A 33 31.53 -0.15 9.11
CA ARG A 33 31.22 1.12 8.45
C ARG A 33 30.03 1.69 9.20
N PRO A 34 29.76 2.98 9.03
CA PRO A 34 28.51 3.58 9.46
C PRO A 34 27.33 2.91 8.78
N LEU A 35 26.24 2.78 9.54
CA LEU A 35 25.01 2.16 9.16
C LEU A 35 23.98 3.24 8.99
N THR A 36 23.07 3.17 8.02
CA THR A 36 22.01 4.16 7.95
C THR A 36 21.01 3.81 9.03
N LEU A 37 19.94 4.58 9.21
CA LEU A 37 18.94 4.23 10.20
C LEU A 37 18.20 2.96 9.86
N SER A 38 17.89 2.82 8.55
CA SER A 38 17.14 1.65 8.09
C SER A 38 18.03 0.43 8.22
N GLU A 39 19.36 0.54 8.00
CA GLU A 39 20.25 -0.57 8.21
C GLU A 39 20.31 -0.98 9.66
N LYS A 40 20.37 0.00 10.58
CA LYS A 40 20.30 -0.30 12.00
C LYS A 40 19.07 -1.15 12.39
N ILE A 41 17.86 -0.70 12.02
CA ILE A 41 16.65 -1.41 12.40
C ILE A 41 16.48 -2.73 11.65
N VAL A 42 16.81 -2.80 10.37
CA VAL A 42 16.72 -4.04 9.61
C VAL A 42 17.80 -5.05 10.03
N TYR A 43 19.07 -4.68 10.03
CA TYR A 43 20.09 -5.65 10.44
C TYR A 43 19.92 -5.95 11.93
N GLY A 44 19.36 -5.05 12.75
CA GLY A 44 19.15 -5.36 14.15
C GLY A 44 18.03 -6.39 14.32
N HIS A 45 17.23 -6.65 13.28
CA HIS A 45 16.22 -7.68 13.34
C HIS A 45 16.58 -8.97 12.56
N LEU A 46 17.85 -9.19 12.21
CA LEU A 46 18.21 -10.41 11.49
C LEU A 46 18.17 -11.59 12.47
N ASP A 47 17.73 -12.73 11.96
CA ASP A 47 17.70 -14.00 12.70
C ASP A 47 19.08 -14.60 13.00
N ASP A 48 20.00 -14.41 12.07
CA ASP A 48 21.39 -14.79 12.21
C ASP A 48 22.27 -13.59 11.88
N PRO A 49 22.47 -12.59 12.77
CA PRO A 49 23.37 -11.46 12.57
C PRO A 49 24.85 -11.82 12.39
N ALA A 50 25.28 -12.89 13.01
CA ALA A 50 26.64 -13.34 12.90
C ALA A 50 26.97 -13.94 11.56
N ASN A 51 26.02 -14.63 10.92
CA ASN A 51 26.34 -15.27 9.64
C ASN A 51 25.59 -14.82 8.40
N GLN A 52 24.62 -13.91 8.50
CA GLN A 52 23.87 -13.40 7.36
C GLN A 52 24.81 -12.73 6.37
N GLU A 53 24.71 -13.06 5.09
CA GLU A 53 25.54 -12.34 4.13
C GLU A 53 24.80 -11.04 3.92
N ILE A 54 25.39 -9.84 4.00
CA ILE A 54 24.67 -8.55 3.90
C ILE A 54 25.21 -7.69 2.77
N GLU A 55 24.42 -7.48 1.69
CA GLU A 55 24.86 -6.64 0.59
C GLU A 55 23.72 -5.89 -0.03
N ARG A 56 23.80 -4.55 -0.03
CA ARG A 56 22.65 -3.79 -0.49
C ARG A 56 22.42 -4.06 -1.96
N GLY A 57 21.14 -4.38 -2.07
CA GLY A 57 20.59 -4.71 -3.36
C GLY A 57 20.89 -6.12 -3.82
N LYS A 58 21.58 -7.06 -3.15
CA LYS A 58 21.58 -8.36 -3.73
C LYS A 58 21.38 -9.56 -2.82
N THR A 59 21.46 -9.37 -1.52
CA THR A 59 21.36 -10.48 -0.61
C THR A 59 19.93 -10.57 -0.06
N TYR A 60 19.41 -11.75 0.33
CA TYR A 60 18.12 -11.91 1.01
C TYR A 60 18.43 -12.14 2.48
N LEU A 61 17.83 -11.19 3.17
CA LEU A 61 17.88 -11.05 4.62
C LEU A 61 16.77 -11.88 5.30
N ARG A 62 17.08 -12.73 6.28
CA ARG A 62 16.13 -13.53 7.03
C ARG A 62 15.93 -12.70 8.26
N LEU A 63 14.75 -12.13 8.38
CA LEU A 63 14.35 -11.18 9.42
C LEU A 63 13.28 -11.78 10.31
N ARG A 64 13.11 -11.18 11.49
CA ARG A 64 12.16 -11.57 12.54
C ARG A 64 11.38 -10.32 12.86
N PRO A 65 10.30 -10.01 12.16
CA PRO A 65 9.47 -8.86 12.49
C PRO A 65 8.90 -8.89 13.92
N ASP A 66 8.65 -7.74 14.54
CA ASP A 66 8.08 -7.70 15.86
C ASP A 66 6.57 -7.87 15.81
N ARG A 67 5.90 -7.46 14.71
CA ARG A 67 4.48 -7.61 14.66
C ARG A 67 4.00 -7.49 13.24
N VAL A 68 2.75 -7.98 13.09
CA VAL A 68 2.00 -8.18 11.84
C VAL A 68 0.63 -7.48 11.90
N ALA A 69 0.27 -6.81 10.81
CA ALA A 69 -1.04 -6.16 10.76
C ALA A 69 -1.64 -6.39 9.37
N MET A 70 -2.96 -6.59 9.34
CA MET A 70 -3.71 -6.91 8.12
C MET A 70 -4.97 -6.07 8.10
N GLN A 71 -5.37 -5.76 6.91
CA GLN A 71 -6.63 -5.07 6.83
C GLN A 71 -7.61 -6.04 6.21
N ASP A 72 -8.91 -5.71 6.32
CA ASP A 72 -9.86 -6.77 6.03
C ASP A 72 -10.07 -7.21 4.59
N ALA A 73 -9.52 -6.48 3.62
CA ALA A 73 -9.57 -6.95 2.26
C ALA A 73 -8.39 -7.84 1.96
N THR A 74 -7.30 -7.82 2.75
CA THR A 74 -6.17 -8.72 2.53
C THR A 74 -6.06 -9.67 3.75
N ALA A 75 -6.96 -9.63 4.74
CA ALA A 75 -6.84 -10.50 5.90
C ALA A 75 -7.47 -11.83 5.61
N GLN A 76 -8.45 -11.80 4.74
CA GLN A 76 -9.21 -12.99 4.39
C GLN A 76 -8.37 -14.09 3.76
N MET A 77 -7.61 -13.82 2.69
CA MET A 77 -6.79 -14.86 2.10
C MET A 77 -5.55 -15.18 2.97
N ALA A 78 -5.01 -14.19 3.74
CA ALA A 78 -3.91 -14.45 4.65
C ALA A 78 -4.40 -15.40 5.75
N MET A 79 -5.59 -15.27 6.33
CA MET A 79 -5.94 -16.23 7.35
C MET A 79 -6.38 -17.54 6.80
N LEU A 80 -6.99 -17.66 5.60
CA LEU A 80 -7.17 -19.00 5.03
C LEU A 80 -5.85 -19.77 4.83
N GLN A 81 -4.73 -19.15 4.39
CA GLN A 81 -3.44 -19.80 4.30
C GLN A 81 -2.90 -19.97 5.73
N PHE A 82 -3.25 -19.21 6.79
CA PHE A 82 -2.74 -19.52 8.12
C PHE A 82 -3.53 -20.73 8.65
N ILE A 83 -4.85 -20.79 8.42
CA ILE A 83 -5.73 -21.91 8.80
C ILE A 83 -5.15 -23.24 8.31
N SER A 84 -4.91 -23.25 7.00
CA SER A 84 -4.28 -24.29 6.22
C SER A 84 -2.94 -24.69 6.80
N SER A 85 -2.07 -23.86 7.39
CA SER A 85 -0.83 -24.37 8.01
C SER A 85 -1.11 -25.16 9.29
N GLY A 86 -2.34 -24.96 9.79
CA GLY A 86 -2.84 -25.70 10.93
C GLY A 86 -2.06 -25.41 12.19
N LEU A 87 -1.51 -24.19 12.27
CA LEU A 87 -0.90 -23.78 13.52
C LEU A 87 -2.00 -23.27 14.47
N PRO A 88 -1.99 -23.52 15.79
CA PRO A 88 -3.11 -23.28 16.71
C PRO A 88 -3.24 -21.84 17.22
N LYS A 89 -2.08 -21.13 17.16
CA LYS A 89 -2.03 -19.69 17.35
C LYS A 89 -0.81 -19.03 16.70
N VAL A 90 -0.92 -17.73 16.40
CA VAL A 90 0.14 -16.95 15.73
C VAL A 90 1.38 -16.70 16.62
N ALA A 91 2.52 -16.52 15.96
CA ALA A 91 3.77 -16.46 16.62
C ALA A 91 4.22 -15.13 17.21
N VAL A 92 3.71 -14.04 16.65
CA VAL A 92 4.03 -12.67 17.09
C VAL A 92 2.73 -11.91 17.28
N PRO A 93 2.64 -10.71 17.93
CA PRO A 93 1.45 -9.87 17.98
C PRO A 93 0.90 -9.56 16.60
N SER A 94 -0.40 -9.75 16.34
CA SER A 94 -0.99 -9.56 15.02
C SER A 94 -2.33 -8.93 15.17
N THR A 95 -2.74 -8.10 14.21
CA THR A 95 -4.05 -7.48 14.22
C THR A 95 -4.72 -7.49 12.86
N ILE A 96 -6.07 -7.54 12.86
CA ILE A 96 -6.95 -7.37 11.70
C ILE A 96 -7.70 -6.05 11.88
N HIS A 97 -7.80 -5.24 10.80
CA HIS A 97 -8.46 -3.95 10.90
C HIS A 97 -9.58 -3.95 9.87
N CYS A 98 -10.83 -3.60 10.28
CA CYS A 98 -11.99 -3.67 9.39
C CYS A 98 -12.36 -2.32 8.81
N ASP A 99 -11.61 -1.95 7.78
CA ASP A 99 -11.64 -0.62 7.13
C ASP A 99 -11.90 -0.56 5.61
N HIS A 100 -11.72 -1.64 4.84
CA HIS A 100 -11.92 -1.62 3.40
C HIS A 100 -13.30 -1.97 2.86
N LEU A 101 -14.22 -2.51 3.69
CA LEU A 101 -15.48 -2.92 3.18
C LEU A 101 -16.62 -1.98 3.50
N ILE A 102 -16.34 -0.74 3.92
CA ILE A 102 -17.36 0.23 4.22
C ILE A 102 -17.56 1.24 3.09
N GLU A 103 -18.62 1.00 2.27
CA GLU A 103 -19.02 1.87 1.14
C GLU A 103 -19.69 3.21 1.52
N ALA A 104 -19.08 4.27 0.99
CA ALA A 104 -19.52 5.64 1.21
C ALA A 104 -20.71 5.92 0.32
N GLN A 105 -21.85 6.24 0.92
CA GLN A 105 -23.06 6.49 0.18
C GLN A 105 -23.83 7.64 0.83
N LEU A 106 -24.18 7.50 2.10
CA LEU A 106 -24.98 8.46 2.87
C LEU A 106 -24.20 9.25 3.92
N GLY A 107 -23.00 8.79 4.29
CA GLY A 107 -22.28 9.39 5.38
C GLY A 107 -22.36 8.52 6.64
N GLY A 108 -21.32 8.79 7.39
CA GLY A 108 -21.15 8.31 8.75
C GLY A 108 -21.79 7.03 9.23
N GLU A 109 -22.78 7.08 10.12
CA GLU A 109 -23.19 5.78 10.62
C GLU A 109 -24.27 5.11 9.84
N LYS A 110 -24.87 5.79 8.86
CA LYS A 110 -25.82 5.15 7.98
C LYS A 110 -25.01 4.10 7.22
N ASP A 111 -23.88 4.58 6.68
CA ASP A 111 -22.93 3.76 5.95
C ASP A 111 -22.27 2.67 6.74
N LEU A 112 -21.90 2.98 7.98
CA LEU A 112 -21.28 1.97 8.80
C LEU A 112 -22.23 0.83 9.19
N ARG A 113 -23.45 1.17 9.58
CA ARG A 113 -24.49 0.22 9.92
C ARG A 113 -24.82 -0.66 8.71
N ARG A 114 -24.84 -0.03 7.51
CA ARG A 114 -25.08 -0.69 6.24
C ARG A 114 -23.98 -1.71 5.99
N ALA A 115 -22.73 -1.33 6.21
CA ALA A 115 -21.63 -2.26 5.99
C ALA A 115 -21.62 -3.38 7.01
N LYS A 116 -22.11 -3.19 8.23
CA LYS A 116 -22.10 -4.26 9.18
C LYS A 116 -23.12 -5.33 8.76
N ASP A 117 -24.24 -4.98 8.13
CA ASP A 117 -25.18 -5.97 7.72
C ASP A 117 -24.80 -6.63 6.43
N ILE A 118 -24.28 -5.88 5.44
CA ILE A 118 -23.75 -6.39 4.17
C ILE A 118 -22.49 -7.23 4.31
N ASN A 119 -21.57 -6.94 5.22
CA ASN A 119 -20.38 -7.73 5.26
C ASN A 119 -20.35 -8.49 6.56
N GLN A 120 -21.49 -8.88 7.13
CA GLN A 120 -21.58 -9.67 8.38
C GLN A 120 -20.85 -11.01 8.36
N GLU A 121 -20.97 -11.71 7.24
CA GLU A 121 -20.34 -13.00 7.06
C GLU A 121 -18.82 -12.83 7.17
N VAL A 122 -18.21 -11.86 6.45
CA VAL A 122 -16.77 -11.65 6.44
C VAL A 122 -16.24 -11.13 7.81
N TYR A 123 -16.89 -10.14 8.44
CA TYR A 123 -16.52 -9.63 9.74
C TYR A 123 -16.62 -10.74 10.76
N ASN A 124 -17.63 -11.65 10.67
CA ASN A 124 -17.76 -12.81 11.56
C ASN A 124 -16.58 -13.73 11.42
N PHE A 125 -16.24 -14.01 10.18
CA PHE A 125 -15.16 -14.88 9.83
C PHE A 125 -13.89 -14.35 10.46
N LEU A 126 -13.55 -13.10 10.17
CA LEU A 126 -12.33 -12.51 10.70
C LEU A 126 -12.36 -12.38 12.23
N ALA A 127 -13.50 -12.03 12.86
CA ALA A 127 -13.56 -11.96 14.30
C ALA A 127 -13.36 -13.34 14.93
N THR A 128 -13.87 -14.44 14.35
CA THR A 128 -13.74 -15.75 14.99
C THR A 128 -12.42 -16.42 14.64
N ALA A 129 -11.90 -16.15 13.45
CA ALA A 129 -10.53 -16.52 13.10
C ALA A 129 -9.54 -15.80 14.01
N GLY A 130 -9.72 -14.53 14.39
CA GLY A 130 -8.82 -13.83 15.27
C GLY A 130 -8.93 -14.33 16.69
N ALA A 131 -10.14 -14.61 17.17
CA ALA A 131 -10.31 -15.10 18.53
C ALA A 131 -9.61 -16.46 18.64
N LYS A 132 -9.70 -17.32 17.64
CA LYS A 132 -9.07 -18.64 17.69
C LYS A 132 -7.56 -18.64 17.54
N TYR A 133 -6.99 -17.90 16.61
CA TYR A 133 -5.56 -17.99 16.42
C TYR A 133 -4.81 -16.94 17.23
N GLY A 134 -5.50 -16.08 18.02
CA GLY A 134 -4.84 -15.10 18.90
C GLY A 134 -4.48 -13.76 18.25
N VAL A 135 -5.30 -13.35 17.29
CA VAL A 135 -5.12 -12.12 16.52
C VAL A 135 -6.09 -11.05 17.04
N GLY A 136 -5.61 -9.84 17.37
CA GLY A 136 -6.40 -8.72 17.86
C GLY A 136 -7.32 -8.24 16.76
N PHE A 137 -8.51 -7.74 17.08
CA PHE A 137 -9.45 -7.45 16.04
C PHE A 137 -10.02 -6.06 16.25
N TRP A 138 -9.85 -5.27 15.21
CA TRP A 138 -10.39 -3.95 15.25
C TRP A 138 -11.62 -4.02 14.35
N ARG A 139 -12.75 -3.71 15.02
CA ARG A 139 -14.10 -3.73 14.46
C ARG A 139 -14.36 -2.65 13.40
N PRO A 140 -15.33 -2.84 12.48
CA PRO A 140 -15.89 -1.83 11.61
C PRO A 140 -16.21 -0.59 12.41
N GLY A 141 -15.62 0.52 11.86
CA GLY A 141 -15.74 1.86 12.42
C GLY A 141 -14.49 2.30 13.16
N SER A 142 -13.60 1.38 13.50
CA SER A 142 -12.40 1.70 14.25
C SER A 142 -11.49 2.69 13.57
N GLY A 143 -11.32 2.66 12.25
CA GLY A 143 -10.37 3.54 11.57
C GLY A 143 -9.46 2.82 10.58
N ILE A 144 -8.88 3.55 9.65
CA ILE A 144 -7.97 3.01 8.65
C ILE A 144 -6.71 2.39 9.30
N ILE A 145 -6.32 1.20 8.84
CA ILE A 145 -5.26 0.40 9.44
C ILE A 145 -4.05 1.25 9.83
N HIS A 146 -3.56 2.17 9.00
CA HIS A 146 -2.31 2.87 9.31
C HIS A 146 -2.40 3.89 10.40
N GLN A 147 -3.61 4.41 10.51
CA GLN A 147 -3.92 5.43 11.46
C GLN A 147 -4.05 4.74 12.82
N ILE A 148 -4.84 3.65 12.98
CA ILE A 148 -4.82 2.86 14.21
C ILE A 148 -3.34 2.37 14.52
N ILE A 149 -2.52 1.98 13.50
CA ILE A 149 -1.18 1.53 13.77
C ILE A 149 -0.39 2.68 14.32
N LEU A 150 -0.37 3.84 13.69
CA LEU A 150 0.41 4.92 14.23
C LEU A 150 0.03 5.30 15.65
N GLU A 151 -1.27 5.22 15.99
CA GLU A 151 -1.83 5.60 17.28
C GLU A 151 -1.57 4.66 18.42
N ASN A 152 -1.50 3.40 18.03
CA ASN A 152 -1.46 2.34 19.02
C ASN A 152 -0.31 1.40 19.00
N TYR A 153 0.23 1.19 17.81
CA TYR A 153 1.22 0.17 17.52
C TYR A 153 2.63 0.48 17.02
N ALA A 154 2.88 1.52 16.20
CA ALA A 154 4.22 1.91 15.73
C ALA A 154 5.01 2.60 16.83
N TYR A 155 6.31 2.27 16.96
CA TYR A 155 7.22 2.95 17.86
C TYR A 155 8.60 2.91 17.23
N PRO A 156 9.54 3.76 17.65
CA PRO A 156 10.88 3.78 17.12
C PRO A 156 11.58 2.39 17.09
N GLY A 157 12.21 2.04 15.97
CA GLY A 157 12.93 0.78 15.87
C GLY A 157 12.10 -0.50 15.78
N VAL A 158 10.72 -0.44 15.75
CA VAL A 158 9.89 -1.61 15.52
C VAL A 158 10.14 -2.05 14.07
N LEU A 159 9.88 -3.35 13.83
CA LEU A 159 9.84 -3.92 12.47
C LEU A 159 8.50 -4.60 12.37
N LEU A 160 7.66 -3.97 11.59
CA LEU A 160 6.27 -4.32 11.41
C LEU A 160 6.08 -4.66 9.97
N ILE A 161 5.35 -5.74 9.67
CA ILE A 161 4.95 -6.00 8.29
C ILE A 161 3.46 -6.03 8.27
N GLY A 162 2.94 -5.49 7.20
CA GLY A 162 1.52 -5.33 7.07
C GLY A 162 1.08 -5.76 5.68
N THR A 163 -0.15 -6.30 5.55
CA THR A 163 -0.64 -6.71 4.24
C THR A 163 -1.28 -5.54 3.56
N ASP A 164 -0.42 -4.57 3.27
CA ASP A 164 -0.84 -3.33 2.61
C ASP A 164 0.39 -2.51 2.18
N SER A 165 0.32 -1.85 1.02
CA SER A 165 1.33 -0.95 0.45
C SER A 165 1.75 0.23 1.27
N HIS A 166 0.76 0.78 1.99
CA HIS A 166 0.92 1.98 2.77
C HIS A 166 1.29 1.75 4.21
N THR A 167 1.68 0.52 4.56
CA THR A 167 2.25 0.17 5.87
C THR A 167 3.48 1.04 6.15
N PRO A 168 4.35 1.46 5.19
CA PRO A 168 5.40 2.47 5.34
C PRO A 168 5.07 3.76 6.10
N ASN A 169 3.76 4.09 6.21
CA ASN A 169 3.22 5.19 6.99
C ASN A 169 3.82 5.19 8.40
N GLY A 170 4.06 4.01 9.03
CA GLY A 170 4.57 3.90 10.40
C GLY A 170 6.00 4.39 10.59
N GLY A 171 6.72 4.67 9.47
CA GLY A 171 8.05 5.24 9.48
C GLY A 171 8.03 6.66 10.02
N GLY A 172 6.85 7.34 10.05
CA GLY A 172 6.69 8.63 10.71
C GLY A 172 6.89 8.54 12.23
N LEU A 173 6.86 7.33 12.80
CA LEU A 173 7.20 7.12 14.19
C LEU A 173 8.51 6.35 14.38
N GLY A 174 9.41 6.50 13.41
CA GLY A 174 10.74 5.93 13.47
C GLY A 174 10.89 4.41 13.36
N GLY A 175 9.86 3.65 12.95
CA GLY A 175 9.95 2.23 12.79
C GLY A 175 10.10 1.84 11.34
N ILE A 176 10.46 0.60 11.08
CA ILE A 176 10.53 0.10 9.74
C ILE A 176 9.30 -0.80 9.51
N CYS A 177 8.40 -0.30 8.64
CA CYS A 177 7.08 -0.87 8.41
C CYS A 177 6.94 -1.13 6.92
N ILE A 178 6.71 -2.41 6.55
CA ILE A 178 6.88 -2.83 5.18
C ILE A 178 5.66 -3.62 4.78
N GLY A 179 5.12 -3.24 3.63
CA GLY A 179 4.00 -3.97 3.11
C GLY A 179 4.40 -5.23 2.41
N VAL A 180 3.55 -6.19 2.59
CA VAL A 180 3.75 -7.51 2.03
C VAL A 180 2.40 -8.06 1.63
N GLY A 181 2.46 -9.17 0.87
CA GLY A 181 1.29 -9.95 0.54
C GLY A 181 0.97 -10.87 1.71
N GLY A 182 -0.29 -11.36 1.77
CA GLY A 182 -0.77 -12.25 2.80
C GLY A 182 0.12 -13.43 3.16
N ALA A 183 0.64 -14.22 2.18
CA ALA A 183 1.56 -15.33 2.35
C ALA A 183 2.85 -14.96 3.07
N ASP A 184 3.40 -13.73 2.99
CA ASP A 184 4.50 -13.31 3.86
C ASP A 184 4.08 -13.12 5.32
N ALA A 185 2.90 -12.48 5.54
CA ALA A 185 2.38 -12.29 6.88
C ALA A 185 2.13 -13.63 7.53
N VAL A 186 1.70 -14.65 6.75
CA VAL A 186 1.50 -16.04 7.18
C VAL A 186 2.83 -16.59 7.63
N ASP A 187 3.92 -16.30 6.93
CA ASP A 187 5.19 -16.79 7.36
C ASP A 187 5.53 -16.31 8.73
N VAL A 188 5.39 -15.02 9.03
CA VAL A 188 5.81 -14.52 10.34
C VAL A 188 4.86 -14.91 11.46
N MET A 189 3.54 -14.98 11.21
CA MET A 189 2.55 -15.48 12.17
C MET A 189 2.76 -16.98 12.44
N ALA A 190 3.26 -17.72 11.46
CA ALA A 190 3.57 -19.12 11.59
C ALA A 190 4.93 -19.38 12.15
N GLY A 191 5.84 -18.39 12.25
CA GLY A 191 7.13 -18.53 12.91
C GLY A 191 8.29 -18.66 11.99
N ILE A 192 8.02 -18.49 10.71
CA ILE A 192 9.02 -18.62 9.66
C ILE A 192 9.78 -17.31 9.51
N PRO A 193 11.09 -17.36 9.18
CA PRO A 193 11.89 -16.16 8.93
C PRO A 193 11.29 -15.46 7.74
N TRP A 194 11.08 -14.15 7.86
CA TRP A 194 10.65 -13.36 6.71
C TRP A 194 11.85 -12.87 5.86
N GLU A 195 11.88 -13.20 4.59
CA GLU A 195 12.96 -12.80 3.77
C GLU A 195 12.73 -11.55 2.96
N LEU A 196 13.75 -10.71 3.00
CA LEU A 196 13.71 -9.43 2.35
C LEU A 196 15.02 -9.11 1.64
N LYS A 197 14.89 -8.79 0.37
CA LYS A 197 16.02 -8.34 -0.39
C LYS A 197 16.53 -7.03 0.17
N CYS A 198 17.78 -7.20 0.59
CA CYS A 198 18.58 -6.18 1.24
C CYS A 198 18.45 -4.86 0.53
N PRO A 199 17.76 -3.87 1.13
CA PRO A 199 17.56 -2.55 0.50
C PRO A 199 18.80 -1.68 0.33
N LYS A 200 18.74 -1.01 -0.82
CA LYS A 200 19.64 0.09 -1.13
C LYS A 200 18.99 1.27 -0.39
N VAL A 201 19.66 2.40 -0.15
CA VAL A 201 19.05 3.44 0.70
C VAL A 201 19.15 4.80 0.01
N ILE A 202 18.01 5.48 -0.12
CA ILE A 202 17.97 6.81 -0.71
C ILE A 202 17.91 7.82 0.41
N GLY A 203 18.86 8.77 0.46
CA GLY A 203 18.80 9.82 1.47
C GLY A 203 17.99 11.04 1.03
N VAL A 204 16.95 11.53 1.68
CA VAL A 204 16.34 12.79 1.27
C VAL A 204 16.67 13.77 2.37
N LYS A 205 17.54 14.76 2.06
CA LYS A 205 17.95 15.80 3.00
C LYS A 205 17.02 17.00 2.93
N LEU A 206 16.43 17.28 4.06
CA LEU A 206 15.47 18.32 4.19
C LEU A 206 16.11 19.53 4.85
N THR A 207 16.05 20.70 4.22
CA THR A 207 16.60 21.87 4.88
C THR A 207 15.51 22.89 4.98
N GLY A 208 15.74 23.89 5.83
CA GLY A 208 14.78 24.96 6.02
C GLY A 208 13.60 24.51 6.87
N SER A 209 12.44 25.05 6.50
CA SER A 209 11.18 24.77 7.16
C SER A 209 9.92 25.12 6.36
N LEU A 210 8.96 24.21 6.54
CA LEU A 210 7.65 24.24 5.92
C LEU A 210 6.98 25.51 6.38
N SER A 211 6.43 26.24 5.41
CA SER A 211 5.75 27.49 5.74
C SER A 211 4.43 27.70 5.02
N GLY A 212 3.52 28.35 5.75
CA GLY A 212 2.26 28.80 5.23
C GLY A 212 1.42 27.73 4.59
N TRP A 213 1.14 27.76 3.29
CA TRP A 213 0.29 26.75 2.68
C TRP A 213 0.91 25.40 2.41
N THR A 214 2.26 25.41 2.32
CA THR A 214 3.04 24.20 2.11
C THR A 214 2.98 23.32 3.38
N SER A 215 2.57 22.07 3.10
CA SER A 215 2.33 21.03 4.08
C SER A 215 3.18 19.79 3.82
N PRO A 216 3.29 18.81 4.75
CA PRO A 216 3.97 17.52 4.61
C PRO A 216 3.75 16.80 3.32
N LYS A 217 2.50 16.78 2.88
CA LYS A 217 2.11 16.14 1.64
C LYS A 217 2.90 16.63 0.45
N ASP A 218 3.25 17.91 0.42
CA ASP A 218 3.92 18.46 -0.72
C ASP A 218 5.34 17.95 -0.77
N VAL A 219 5.98 17.52 0.35
CA VAL A 219 7.34 16.99 0.32
C VAL A 219 7.34 15.67 -0.41
N ILE A 220 6.37 14.78 -0.15
CA ILE A 220 6.39 13.53 -0.85
C ILE A 220 5.79 13.67 -2.25
N LEU A 221 4.90 14.62 -2.54
CA LEU A 221 4.43 14.86 -3.91
C LEU A 221 5.58 15.39 -4.75
N LYS A 222 6.47 16.15 -4.12
CA LYS A 222 7.66 16.62 -4.82
C LYS A 222 8.58 15.44 -5.10
N VAL A 223 9.00 14.68 -4.07
CA VAL A 223 9.90 13.56 -4.22
C VAL A 223 9.33 12.59 -5.23
N ALA A 224 8.02 12.39 -5.28
CA ALA A 224 7.48 11.47 -6.27
C ALA A 224 7.59 11.99 -7.69
N GLY A 225 7.47 13.31 -7.86
CA GLY A 225 7.67 13.93 -9.17
C GLY A 225 9.10 13.69 -9.65
N ILE A 226 10.03 13.94 -8.71
CA ILE A 226 11.47 13.85 -8.88
C ILE A 226 11.92 12.46 -9.22
N LEU A 227 11.44 11.45 -8.51
CA LEU A 227 12.01 10.16 -8.61
C LEU A 227 11.28 9.19 -9.49
N THR A 228 10.07 9.60 -9.85
CA THR A 228 9.07 8.83 -10.55
C THR A 228 8.59 7.59 -9.77
N VAL A 229 7.52 7.01 -10.35
CA VAL A 229 6.89 5.84 -9.79
C VAL A 229 7.79 4.64 -9.67
N LYS A 230 8.89 4.61 -10.46
CA LYS A 230 9.82 3.48 -10.43
C LYS A 230 11.07 3.72 -9.61
N GLY A 231 11.30 4.97 -9.25
CA GLY A 231 12.55 5.41 -8.67
C GLY A 231 12.90 4.94 -7.31
N GLY A 232 11.98 4.42 -6.54
CA GLY A 232 12.34 3.95 -5.24
C GLY A 232 12.46 2.47 -5.16
N THR A 233 12.23 1.72 -6.24
CA THR A 233 12.22 0.25 -6.25
C THR A 233 13.49 -0.37 -5.67
N GLY A 234 13.30 -1.26 -4.66
CA GLY A 234 14.37 -1.96 -3.98
C GLY A 234 15.17 -1.14 -2.99
N ALA A 235 14.65 0.04 -2.66
CA ALA A 235 15.29 0.98 -1.74
C ALA A 235 14.42 1.52 -0.60
N ILE A 236 15.01 1.81 0.58
CA ILE A 236 14.27 2.46 1.66
C ILE A 236 14.72 3.91 1.62
N VAL A 237 13.74 4.83 1.70
CA VAL A 237 13.91 6.29 1.69
C VAL A 237 14.05 6.75 3.13
N GLU A 238 15.13 7.45 3.32
CA GLU A 238 15.53 7.90 4.60
C GLU A 238 15.63 9.44 4.70
N TYR A 239 14.75 10.09 5.47
CA TYR A 239 14.77 11.53 5.57
C TYR A 239 15.70 12.00 6.69
N HIS A 240 16.57 12.95 6.41
CA HIS A 240 17.53 13.46 7.34
C HIS A 240 17.67 14.95 7.07
N GLY A 241 18.52 15.67 7.81
CA GLY A 241 18.74 17.09 7.54
C GLY A 241 18.11 18.01 8.58
N PRO A 242 18.53 19.28 8.64
CA PRO A 242 17.98 20.31 9.50
C PRO A 242 16.49 20.48 9.49
N GLY A 243 15.88 20.48 8.33
CA GLY A 243 14.46 20.64 8.21
C GLY A 243 13.60 19.47 8.70
N VAL A 244 14.05 18.27 9.03
CA VAL A 244 13.19 17.21 9.56
C VAL A 244 12.38 17.63 10.81
N ASP A 245 13.05 18.43 11.63
CA ASP A 245 12.51 18.79 12.90
C ASP A 245 11.44 19.86 12.92
N SER A 246 11.06 20.21 11.69
CA SER A 246 9.99 21.14 11.36
C SER A 246 8.64 20.42 11.08
N ILE A 247 8.72 19.08 11.03
CA ILE A 247 7.60 18.22 10.66
C ILE A 247 7.06 17.49 11.90
N SER A 248 5.74 17.60 12.01
CA SER A 248 5.03 16.86 13.04
C SER A 248 5.09 15.36 12.71
N CYS A 249 4.88 14.52 13.73
CA CYS A 249 4.86 13.10 13.63
C CYS A 249 3.86 12.62 12.56
N THR A 250 2.65 13.18 12.51
CA THR A 250 1.70 12.73 11.53
C THR A 250 2.00 13.24 10.15
N GLY A 251 2.66 14.37 10.01
CA GLY A 251 3.16 14.78 8.71
C GLY A 251 4.37 13.95 8.30
N MET A 252 5.17 13.39 9.20
CA MET A 252 6.24 12.49 8.85
C MET A 252 5.59 11.20 8.42
N ALA A 253 4.47 10.79 9.01
CA ALA A 253 3.77 9.57 8.56
C ALA A 253 3.26 9.77 7.14
N THR A 254 2.70 10.94 6.81
CA THR A 254 2.24 11.32 5.45
C THR A 254 3.32 11.20 4.35
N ILE A 255 4.56 11.66 4.62
CA ILE A 255 5.69 11.62 3.69
C ILE A 255 6.13 10.19 3.51
N CYS A 256 6.27 9.38 4.59
CA CYS A 256 6.66 7.97 4.56
C CYS A 256 5.65 7.15 3.81
N ASN A 257 4.40 7.46 4.03
CA ASN A 257 3.27 6.78 3.46
C ASN A 257 3.26 6.79 1.91
N MET A 258 3.21 7.97 1.31
CA MET A 258 3.11 8.03 -0.14
C MET A 258 4.42 7.63 -0.85
N GLY A 259 5.50 7.38 -0.08
CA GLY A 259 6.74 6.81 -0.62
C GLY A 259 6.46 5.48 -1.36
N ALA A 260 5.29 4.86 -1.00
CA ALA A 260 4.84 3.64 -1.65
C ALA A 260 4.67 3.84 -3.16
N GLU A 261 4.28 5.08 -3.56
CA GLU A 261 4.07 5.49 -4.94
C GLU A 261 5.34 5.71 -5.74
N ILE A 262 6.53 5.63 -5.13
CA ILE A 262 7.71 5.55 -5.93
C ILE A 262 8.17 4.10 -5.85
N GLY A 263 7.52 3.12 -5.17
CA GLY A 263 7.93 1.71 -5.20
C GLY A 263 8.99 1.27 -4.18
N ALA A 264 9.23 2.19 -3.24
CA ALA A 264 10.21 2.05 -2.17
C ALA A 264 9.90 0.85 -1.32
N THR A 265 10.86 0.13 -0.76
CA THR A 265 10.56 -0.98 0.14
C THR A 265 9.80 -0.49 1.40
N THR A 266 10.20 0.74 1.85
CA THR A 266 9.53 1.56 2.91
C THR A 266 10.25 2.90 3.05
N SER A 267 9.81 3.83 3.93
CA SER A 267 10.50 5.11 4.19
C SER A 267 10.58 5.37 5.71
N VAL A 268 11.53 6.17 6.25
CA VAL A 268 11.62 6.38 7.71
C VAL A 268 12.28 7.71 8.06
N PHE A 269 11.87 8.22 9.22
CA PHE A 269 12.44 9.40 9.85
C PHE A 269 13.11 9.00 11.14
N PRO A 270 14.15 9.71 11.57
CA PRO A 270 14.86 9.47 12.81
C PRO A 270 14.08 9.93 14.02
N TYR A 271 14.26 9.16 15.08
CA TYR A 271 13.58 9.50 16.34
C TYR A 271 13.99 10.89 16.86
N ASN A 272 12.96 11.65 17.16
CA ASN A 272 13.13 13.04 17.49
C ASN A 272 12.07 13.46 18.48
N HIS A 273 12.11 14.76 18.88
CA HIS A 273 11.21 15.23 19.89
C HIS A 273 9.82 15.29 19.33
N ARG A 274 9.54 15.48 18.01
CA ARG A 274 8.16 15.41 17.51
C ARG A 274 7.60 13.98 17.63
N MET A 275 8.40 12.91 17.52
CA MET A 275 7.91 11.58 17.76
C MET A 275 7.68 11.41 19.22
N LYS A 276 8.56 11.91 20.07
CA LYS A 276 8.35 11.85 21.51
C LYS A 276 7.05 12.54 21.99
N LYS A 277 6.64 13.72 21.45
CA LYS A 277 5.41 14.37 21.86
C LYS A 277 4.25 13.54 21.40
N TYR A 278 4.28 12.97 20.20
CA TYR A 278 3.20 12.14 19.73
C TYR A 278 3.10 10.89 20.55
N LEU A 279 4.15 10.17 20.88
CA LEU A 279 4.04 9.04 21.77
C LEU A 279 3.37 9.41 23.09
N SER A 280 3.69 10.51 23.74
CA SER A 280 3.11 10.95 24.99
C SER A 280 1.66 11.37 24.92
N LYS A 281 1.28 12.10 23.85
CA LYS A 281 -0.10 12.46 23.61
C LYS A 281 -0.93 11.21 23.38
N THR A 282 -0.34 10.08 22.93
CA THR A 282 -1.13 8.89 22.76
C THR A 282 -0.94 7.86 23.86
N GLY A 283 -0.58 8.34 25.04
CA GLY A 283 -0.46 7.50 26.24
C GLY A 283 0.71 6.54 26.27
N ARG A 284 1.79 6.86 25.54
CA ARG A 284 2.95 5.98 25.40
C ARG A 284 4.21 6.74 25.78
N ALA A 285 4.11 7.43 26.92
CA ALA A 285 5.23 8.15 27.50
C ALA A 285 6.40 7.26 27.83
N ASP A 286 6.11 6.06 28.30
CA ASP A 286 7.12 5.09 28.67
C ASP A 286 7.93 4.55 27.49
N ILE A 287 7.27 4.48 26.32
CA ILE A 287 7.94 4.08 25.08
C ILE A 287 8.85 5.25 24.65
N ALA A 288 8.41 6.52 24.70
CA ALA A 288 9.29 7.62 24.41
C ALA A 288 10.46 7.64 25.39
N ASN A 289 10.28 7.52 26.71
CA ASN A 289 11.38 7.44 27.68
C ASN A 289 12.39 6.33 27.39
N LEU A 290 11.88 5.09 27.06
CA LEU A 290 12.75 3.99 26.66
C LEU A 290 13.52 4.31 25.37
N ALA A 291 12.86 4.89 24.36
CA ALA A 291 13.52 5.22 23.12
C ALA A 291 14.59 6.29 23.28
N ASP A 292 14.38 7.20 24.23
CA ASP A 292 15.39 8.21 24.54
C ASP A 292 16.63 7.57 25.05
N GLU A 293 16.43 6.63 25.97
CA GLU A 293 17.50 5.84 26.47
C GLU A 293 18.16 5.03 25.36
N PHE A 294 17.56 4.65 24.22
CA PHE A 294 18.26 3.98 23.12
C PHE A 294 18.37 4.78 21.81
N LYS A 295 18.27 6.12 21.89
CA LYS A 295 18.29 7.04 20.76
C LYS A 295 19.43 6.82 19.80
N ASP A 296 20.63 6.50 20.31
CA ASP A 296 21.79 6.18 19.48
C ASP A 296 21.60 5.15 18.36
N HIS A 297 20.74 4.16 18.62
CA HIS A 297 20.37 3.08 17.71
C HIS A 297 19.16 3.37 16.87
N LEU A 298 18.52 4.53 17.18
CA LEU A 298 17.30 4.96 16.50
C LEU A 298 17.49 6.17 15.64
N VAL A 299 18.70 6.64 15.38
CA VAL A 299 19.01 7.72 14.42
C VAL A 299 20.05 7.17 13.45
N PRO A 300 20.41 7.78 12.31
CA PRO A 300 21.51 7.23 11.48
C PRO A 300 22.91 7.41 12.10
N ASP A 301 23.85 6.53 11.74
CA ASP A 301 25.21 6.67 12.19
C ASP A 301 25.83 7.80 11.41
N PRO A 302 26.61 8.71 12.05
CA PRO A 302 27.28 9.78 11.29
C PRO A 302 28.22 9.15 10.27
N GLY A 303 28.04 9.82 9.12
CA GLY A 303 28.81 9.48 7.94
C GLY A 303 28.27 8.35 7.12
N CYS A 304 27.07 7.80 7.42
CA CYS A 304 26.49 6.68 6.67
C CYS A 304 26.29 7.09 5.20
N HIS A 305 26.40 6.11 4.27
CA HIS A 305 26.33 6.39 2.84
C HIS A 305 24.97 6.02 2.29
N TYR A 306 24.37 6.99 1.61
CA TYR A 306 23.14 6.79 0.86
C TYR A 306 23.50 6.51 -0.57
N ASP A 307 22.84 5.57 -1.23
CA ASP A 307 23.16 5.24 -2.63
C ASP A 307 22.72 6.26 -3.65
N GLN A 308 21.73 7.06 -3.21
CA GLN A 308 21.16 8.11 -4.03
C GLN A 308 20.85 9.25 -3.05
N VAL A 309 21.25 10.49 -3.30
CA VAL A 309 20.83 11.56 -2.41
C VAL A 309 20.05 12.71 -3.06
N ILE A 310 18.92 13.12 -2.51
CA ILE A 310 18.08 14.18 -3.03
C ILE A 310 17.95 15.25 -1.96
N GLU A 311 17.99 16.52 -2.34
CA GLU A 311 17.78 17.62 -1.42
C GLU A 311 16.54 18.46 -1.62
N ILE A 312 15.74 18.62 -0.56
CA ILE A 312 14.54 19.48 -0.66
C ILE A 312 14.63 20.60 0.40
N ASN A 313 14.66 21.87 -0.09
CA ASN A 313 14.60 23.04 0.80
C ASN A 313 13.14 23.27 1.05
N LEU A 314 12.71 22.89 2.26
CA LEU A 314 11.34 23.05 2.72
C LEU A 314 10.77 24.48 2.60
N SER A 315 11.63 25.46 2.94
CA SER A 315 11.34 26.88 2.89
C SER A 315 10.96 27.45 1.54
N GLU A 316 11.46 26.86 0.45
CA GLU A 316 11.14 27.24 -0.91
C GLU A 316 10.20 26.27 -1.61
N LEU A 317 9.84 25.17 -0.93
CA LEU A 317 8.88 24.23 -1.48
C LEU A 317 7.54 24.96 -1.42
N LYS A 318 6.73 24.85 -2.47
CA LYS A 318 5.42 25.44 -2.37
C LYS A 318 4.38 24.41 -2.84
N PRO A 319 3.07 24.60 -2.68
CA PRO A 319 2.04 23.55 -2.78
C PRO A 319 1.98 22.78 -4.07
N HIS A 320 1.70 21.49 -4.01
CA HIS A 320 1.67 20.63 -5.18
C HIS A 320 0.35 19.92 -5.35
N ILE A 321 0.15 19.45 -6.58
CA ILE A 321 -1.00 18.66 -6.94
C ILE A 321 -0.54 17.79 -8.09
N ASN A 322 -0.73 16.50 -7.90
CA ASN A 322 -0.23 15.50 -8.80
C ASN A 322 -1.32 14.71 -9.52
N GLY A 323 -1.11 14.32 -10.76
CA GLY A 323 -2.10 13.58 -11.53
C GLY A 323 -2.29 14.21 -12.89
N PRO A 324 -3.06 13.59 -13.77
CA PRO A 324 -4.25 12.92 -13.48
C PRO A 324 -4.10 11.49 -13.55
N PHE A 325 -3.24 10.65 -14.03
CA PHE A 325 -3.49 9.20 -13.86
C PHE A 325 -2.35 8.45 -13.21
N THR A 326 -1.33 9.21 -12.84
CA THR A 326 -0.16 8.65 -12.16
C THR A 326 0.06 9.68 -11.04
N PRO A 327 0.45 9.16 -9.87
CA PRO A 327 0.92 9.93 -8.73
C PRO A 327 2.22 10.72 -8.89
N ASP A 328 3.02 10.48 -9.94
CA ASP A 328 4.28 11.19 -10.17
C ASP A 328 4.24 12.33 -11.19
N LEU A 329 3.05 12.60 -11.78
CA LEU A 329 2.90 13.75 -12.64
C LEU A 329 2.64 14.97 -11.76
N ALA A 330 3.73 15.63 -11.38
CA ALA A 330 3.67 16.70 -10.40
C ALA A 330 3.53 18.08 -10.96
N HIS A 331 2.57 18.87 -10.43
CA HIS A 331 2.36 20.27 -10.83
C HIS A 331 2.34 21.15 -9.57
N PRO A 332 2.94 22.34 -9.42
CA PRO A 332 2.59 23.29 -8.37
C PRO A 332 1.14 23.66 -8.58
N VAL A 333 0.43 23.87 -7.46
CA VAL A 333 -1.00 24.20 -7.48
C VAL A 333 -1.23 25.46 -8.32
N ALA A 334 -0.32 26.43 -8.23
CA ALA A 334 -0.34 27.60 -9.07
C ALA A 334 -0.39 27.31 -10.58
N GLU A 335 0.48 26.49 -11.16
CA GLU A 335 0.40 26.21 -12.59
C GLU A 335 -0.64 25.14 -12.96
N VAL A 336 -1.34 24.46 -12.02
CA VAL A 336 -2.26 23.39 -12.43
C VAL A 336 -3.47 23.91 -13.16
N GLY A 337 -3.87 25.16 -12.93
CA GLY A 337 -4.94 25.74 -13.74
C GLY A 337 -4.58 25.74 -15.23
N SER A 338 -3.56 26.61 -15.48
CA SER A 338 -2.97 26.82 -16.79
C SER A 338 -2.59 25.52 -17.47
N VAL A 339 -2.09 24.48 -16.79
CA VAL A 339 -1.74 23.25 -17.51
C VAL A 339 -2.88 22.28 -17.79
N ALA A 340 -4.01 22.44 -17.07
CA ALA A 340 -5.20 21.59 -17.26
C ALA A 340 -5.95 22.09 -18.46
N GLU A 341 -6.05 23.45 -18.51
CA GLU A 341 -6.58 24.20 -19.65
C GLU A 341 -5.86 23.69 -20.88
N LYS A 342 -4.51 23.83 -20.88
CA LYS A 342 -3.64 23.40 -21.98
C LYS A 342 -3.80 21.92 -22.31
N GLU A 343 -3.76 21.02 -21.31
CA GLU A 343 -3.78 19.58 -21.60
C GLU A 343 -5.12 18.86 -21.81
N GLY A 344 -6.25 19.49 -21.54
CA GLY A 344 -7.51 18.80 -21.76
C GLY A 344 -7.99 17.97 -20.56
N TRP A 345 -7.79 18.52 -19.36
CA TRP A 345 -8.28 17.92 -18.13
C TRP A 345 -9.39 18.89 -17.73
N PRO A 346 -10.57 18.44 -17.27
CA PRO A 346 -11.59 19.31 -16.69
C PRO A 346 -11.11 20.29 -15.60
N LEU A 347 -11.42 21.60 -15.65
CA LEU A 347 -11.11 22.53 -14.56
C LEU A 347 -12.22 22.48 -13.50
N ASP A 348 -13.42 21.95 -13.79
CA ASP A 348 -14.46 21.87 -12.78
C ASP A 348 -14.12 20.80 -11.77
N ILE A 349 -14.09 21.10 -10.48
CA ILE A 349 -13.91 20.03 -9.51
C ILE A 349 -15.30 19.67 -8.96
N ARG A 350 -15.74 18.47 -9.39
CA ARG A 350 -16.98 17.84 -8.95
C ARG A 350 -17.09 17.53 -7.47
N VAL A 351 -16.07 16.83 -6.96
CA VAL A 351 -16.00 16.42 -5.56
C VAL A 351 -14.58 16.64 -5.12
N GLY A 352 -14.44 17.19 -3.92
CA GLY A 352 -13.17 17.28 -3.27
C GLY A 352 -13.25 16.23 -2.16
N LEU A 353 -12.25 15.36 -1.97
CA LEU A 353 -12.34 14.36 -0.92
C LEU A 353 -11.17 14.44 0.01
N ILE A 354 -11.35 14.93 1.23
CA ILE A 354 -10.19 14.91 2.10
C ILE A 354 -10.27 13.62 2.90
N GLY A 355 -9.11 13.39 3.52
CA GLY A 355 -8.90 12.20 4.34
C GLY A 355 -8.10 11.07 3.70
N SER A 356 -8.60 9.94 4.18
CA SER A 356 -8.11 8.65 3.85
C SER A 356 -6.60 8.45 3.54
N CYS A 357 -6.18 8.03 4.78
CA CYS A 357 -4.91 7.49 5.33
C CYS A 357 -3.59 8.23 5.23
N THR A 358 -3.31 8.75 4.03
CA THR A 358 -2.16 9.64 3.83
C THR A 358 -2.41 10.94 4.58
N ASN A 359 -3.69 11.34 4.60
CA ASN A 359 -4.00 12.63 5.13
C ASN A 359 -5.26 12.67 5.92
N SER A 360 -5.35 11.98 7.04
CA SER A 360 -6.55 12.04 7.84
C SER A 360 -6.40 12.24 9.36
N SER A 361 -5.22 12.79 9.77
CA SER A 361 -4.89 13.05 11.17
C SER A 361 -5.58 14.23 11.81
N TYR A 362 -5.37 14.60 13.08
CA TYR A 362 -6.01 15.76 13.71
C TYR A 362 -5.38 17.06 13.17
N GLU A 363 -4.17 16.97 12.62
CA GLU A 363 -3.58 18.16 12.05
C GLU A 363 -4.20 18.37 10.68
N ASP A 364 -4.36 17.33 9.87
CA ASP A 364 -5.01 17.42 8.58
C ASP A 364 -6.44 17.93 8.73
N MET A 365 -7.17 17.50 9.77
CA MET A 365 -8.52 17.93 10.02
C MET A 365 -8.46 19.34 10.52
N GLY A 366 -7.52 19.78 11.39
CA GLY A 366 -7.45 21.16 11.88
C GLY A 366 -7.16 22.20 10.78
N ARG A 367 -6.23 21.84 9.85
CA ARG A 367 -5.80 22.67 8.70
C ARG A 367 -6.97 22.75 7.70
N SER A 368 -7.68 21.65 7.41
CA SER A 368 -8.85 21.71 6.57
C SER A 368 -9.95 22.57 7.17
N ALA A 369 -10.19 22.50 8.48
CA ALA A 369 -11.23 23.28 9.06
C ALA A 369 -10.79 24.73 9.16
N ALA A 370 -9.49 25.03 9.24
CA ALA A 370 -9.03 26.42 9.28
C ALA A 370 -9.31 27.15 7.97
N VAL A 371 -9.32 26.39 6.87
CA VAL A 371 -9.60 26.94 5.55
C VAL A 371 -11.12 27.15 5.48
N ALA A 372 -11.89 26.09 5.79
CA ALA A 372 -13.33 26.08 5.77
C ALA A 372 -13.98 27.15 6.65
N LYS A 373 -13.44 27.40 7.83
CA LYS A 373 -13.87 28.42 8.78
C LYS A 373 -13.83 29.83 8.17
N GLN A 374 -12.82 30.13 7.36
CA GLN A 374 -12.65 31.40 6.66
C GLN A 374 -13.72 31.56 5.62
N ALA A 375 -14.01 30.48 4.90
CA ALA A 375 -15.00 30.53 3.85
C ALA A 375 -16.34 30.87 4.42
N LEU A 376 -16.64 30.24 5.54
CA LEU A 376 -17.83 30.41 6.37
C LEU A 376 -17.95 31.85 6.95
N ALA A 377 -16.86 32.54 7.32
CA ALA A 377 -16.93 33.91 7.85
C ALA A 377 -17.33 34.99 6.84
N HIS A 378 -17.47 34.47 5.61
CA HIS A 378 -17.91 35.22 4.44
C HIS A 378 -19.19 34.63 3.85
N GLY A 379 -19.93 33.84 4.65
CA GLY A 379 -21.16 33.19 4.24
C GLY A 379 -21.04 32.31 3.01
N LEU A 380 -19.86 31.68 2.89
CA LEU A 380 -19.62 30.77 1.78
C LEU A 380 -19.65 29.32 2.24
N LYS A 381 -20.08 28.53 1.26
CA LYS A 381 -20.10 27.08 1.30
C LYS A 381 -19.39 26.52 0.06
N CYS A 382 -19.09 25.24 0.01
CA CYS A 382 -18.37 24.64 -1.13
C CYS A 382 -19.12 24.67 -2.45
N LYS A 383 -18.41 25.04 -3.53
CA LYS A 383 -19.00 24.99 -4.85
C LYS A 383 -18.86 23.56 -5.35
N SER A 384 -17.82 22.82 -4.95
CA SER A 384 -17.73 21.37 -5.23
C SER A 384 -18.32 20.55 -4.07
N GLN A 385 -18.74 19.31 -4.32
CA GLN A 385 -19.16 18.41 -3.27
C GLN A 385 -18.03 18.08 -2.32
N PHE A 386 -18.23 17.83 -1.03
CA PHE A 386 -17.07 17.71 -0.17
C PHE A 386 -17.30 16.51 0.73
N THR A 387 -16.31 15.57 0.81
CA THR A 387 -16.38 14.43 1.74
C THR A 387 -15.18 14.45 2.69
N ILE A 388 -15.33 14.01 3.95
CA ILE A 388 -14.24 14.00 4.90
C ILE A 388 -14.18 12.59 5.46
N THR A 389 -13.05 11.89 5.41
CA THR A 389 -12.96 10.62 6.14
C THR A 389 -12.11 10.83 7.39
N PRO A 390 -12.51 10.68 8.67
CA PRO A 390 -11.56 10.71 9.81
C PRO A 390 -10.72 9.42 9.81
N GLY A 391 -9.41 9.44 10.10
CA GLY A 391 -8.52 8.30 10.03
C GLY A 391 -8.82 7.23 11.05
N SER A 392 -9.44 7.61 12.18
CA SER A 392 -9.84 6.65 13.20
C SER A 392 -10.99 7.21 14.04
N GLU A 393 -11.66 6.30 14.78
CA GLU A 393 -12.71 6.65 15.70
C GLU A 393 -12.16 7.63 16.70
N GLN A 394 -10.96 7.54 17.25
CA GLN A 394 -10.34 8.53 18.11
C GLN A 394 -10.30 9.90 17.43
N ILE A 395 -9.87 10.01 16.16
CA ILE A 395 -9.79 11.28 15.48
C ILE A 395 -11.21 11.78 15.25
N ARG A 396 -12.17 10.96 14.82
CA ARG A 396 -13.54 11.38 14.69
C ARG A 396 -14.04 11.96 16.02
N ALA A 397 -14.06 11.22 17.14
CA ALA A 397 -14.44 11.72 18.45
C ALA A 397 -13.67 12.99 18.81
N THR A 398 -12.35 13.14 18.54
CA THR A 398 -11.63 14.32 19.01
C THR A 398 -11.90 15.56 18.16
N ILE A 399 -12.16 15.44 16.85
CA ILE A 399 -12.42 16.62 16.04
C ILE A 399 -13.88 17.04 16.17
N GLU A 400 -14.76 16.16 16.59
CA GLU A 400 -16.15 16.47 16.87
C GLU A 400 -16.23 17.45 18.07
N ARG A 401 -15.55 17.00 19.12
CA ARG A 401 -15.45 17.74 20.36
C ARG A 401 -14.73 19.09 20.17
N ASP A 402 -13.65 19.13 19.41
CA ASP A 402 -12.91 20.38 19.22
C ASP A 402 -13.49 21.23 18.10
N GLY A 403 -14.63 20.78 17.63
CA GLY A 403 -15.47 21.53 16.75
C GLY A 403 -15.08 21.58 15.31
N TYR A 404 -14.03 20.87 14.88
CA TYR A 404 -13.61 20.87 13.47
C TYR A 404 -14.64 20.24 12.54
N ALA A 405 -15.36 19.26 13.09
CA ALA A 405 -16.33 18.54 12.31
C ALA A 405 -17.52 19.36 11.98
N GLN A 406 -17.91 20.28 12.86
CA GLN A 406 -19.09 21.06 12.59
C GLN A 406 -18.71 22.12 11.58
N VAL A 407 -17.50 22.69 11.60
CA VAL A 407 -17.12 23.64 10.56
C VAL A 407 -17.08 22.98 9.15
N LEU A 408 -16.57 21.75 9.10
CA LEU A 408 -16.50 21.02 7.86
C LEU A 408 -17.84 20.62 7.28
N ARG A 409 -18.73 20.36 8.25
CA ARG A 409 -20.11 20.04 7.98
C ARG A 409 -20.88 21.29 7.44
N ASP A 410 -20.62 22.43 8.09
CA ASP A 410 -21.24 23.69 7.75
C ASP A 410 -20.77 24.21 6.39
N VAL A 411 -19.54 24.04 5.86
CA VAL A 411 -19.29 24.44 4.48
C VAL A 411 -19.84 23.41 3.50
N GLY A 412 -20.66 22.41 3.88
CA GLY A 412 -21.26 21.48 2.91
C GLY A 412 -20.63 20.13 2.83
N GLY A 413 -19.79 19.82 3.82
CA GLY A 413 -19.16 18.50 3.94
C GLY A 413 -20.00 17.32 4.48
N ILE A 414 -19.73 16.15 3.95
CA ILE A 414 -20.32 14.93 4.45
C ILE A 414 -19.13 14.20 5.08
N VAL A 415 -19.25 13.89 6.36
CA VAL A 415 -18.24 13.15 7.10
C VAL A 415 -18.58 11.68 6.92
N LEU A 416 -17.69 10.96 6.24
CA LEU A 416 -17.88 9.56 5.90
C LEU A 416 -17.47 8.68 7.06
N ALA A 417 -17.72 7.38 7.12
CA ALA A 417 -17.21 6.52 8.18
C ALA A 417 -15.66 6.47 8.29
N ASN A 418 -15.07 5.95 9.37
CA ASN A 418 -13.62 5.91 9.51
C ASN A 418 -13.10 4.65 8.83
N ALA A 419 -13.06 4.80 7.51
CA ALA A 419 -12.78 3.72 6.56
C ALA A 419 -12.21 4.25 5.27
N CYS A 420 -11.49 3.45 4.51
CA CYS A 420 -10.89 3.85 3.23
C CYS A 420 -11.85 4.51 2.25
N GLY A 421 -13.01 3.89 2.06
CA GLY A 421 -14.07 4.52 1.29
C GLY A 421 -13.70 4.75 -0.16
N PRO A 422 -13.96 5.97 -0.68
CA PRO A 422 -13.56 6.48 -1.98
C PRO A 422 -12.19 6.11 -2.53
N CYS A 423 -11.24 6.04 -1.61
CA CYS A 423 -9.89 5.66 -1.94
C CYS A 423 -9.78 4.29 -2.64
N ILE A 424 -10.43 3.18 -2.28
CA ILE A 424 -10.36 1.97 -3.11
C ILE A 424 -11.70 1.66 -3.78
N GLY A 425 -12.36 2.78 -4.08
CA GLY A 425 -13.61 2.73 -4.80
C GLY A 425 -14.81 2.25 -4.01
N GLN A 426 -14.78 2.21 -2.66
CA GLN A 426 -15.97 1.92 -1.87
C GLN A 426 -16.78 3.21 -1.74
N TRP A 427 -17.38 3.57 -2.88
CA TRP A 427 -18.07 4.84 -3.07
C TRP A 427 -19.19 4.59 -4.05
N ASP A 428 -20.41 4.84 -3.59
CA ASP A 428 -21.52 4.82 -4.49
C ASP A 428 -21.73 6.29 -4.93
N ARG A 429 -21.13 6.62 -6.08
CA ARG A 429 -20.95 8.02 -6.52
C ARG A 429 -22.18 8.88 -6.87
N LYS A 430 -22.92 8.54 -7.93
CA LYS A 430 -24.09 9.29 -8.35
C LYS A 430 -23.97 10.64 -9.06
N ASP A 431 -23.09 11.61 -8.78
CA ASP A 431 -23.12 12.92 -9.43
C ASP A 431 -22.82 12.98 -10.95
N ILE A 432 -22.11 11.99 -11.49
CA ILE A 432 -21.81 11.91 -12.90
C ILE A 432 -22.51 10.68 -13.47
N LYS A 433 -22.71 10.73 -14.80
CA LYS A 433 -23.18 9.56 -15.52
C LYS A 433 -21.93 8.68 -15.78
N LYS A 434 -22.09 7.45 -16.28
CA LYS A 434 -21.02 6.51 -16.60
C LYS A 434 -20.16 6.97 -17.79
N GLY A 435 -18.80 7.00 -17.73
CA GLY A 435 -17.96 7.55 -18.79
C GLY A 435 -17.97 9.08 -18.83
N GLU A 436 -18.52 9.84 -17.88
CA GLU A 436 -18.51 11.29 -17.95
C GLU A 436 -17.10 11.73 -17.61
N LYS A 437 -16.59 12.78 -18.26
CA LYS A 437 -15.26 13.28 -17.98
C LYS A 437 -15.45 14.37 -16.92
N ASN A 438 -14.70 14.19 -15.82
CA ASN A 438 -14.77 15.07 -14.68
C ASN A 438 -13.45 15.07 -13.95
N THR A 439 -13.26 16.09 -13.15
CA THR A 439 -12.15 16.11 -12.26
C THR A 439 -12.75 15.93 -10.86
N ILE A 440 -11.87 15.46 -9.97
CA ILE A 440 -12.12 15.31 -8.53
C ILE A 440 -10.80 15.63 -7.81
N VAL A 441 -10.62 16.51 -6.80
CA VAL A 441 -9.34 16.49 -6.11
C VAL A 441 -9.50 15.76 -4.77
N THR A 442 -8.49 14.98 -4.38
CA THR A 442 -8.51 14.19 -3.15
C THR A 442 -7.25 14.43 -2.36
N SER A 443 -7.21 14.12 -1.08
CA SER A 443 -5.94 14.18 -0.38
C SER A 443 -5.49 12.76 -0.13
N TYR A 444 -5.68 11.92 -1.12
CA TYR A 444 -5.23 10.55 -0.99
C TYR A 444 -3.83 10.41 -1.61
N ASN A 445 -3.44 9.25 -2.15
CA ASN A 445 -2.11 9.14 -2.74
C ASN A 445 -2.13 8.56 -4.14
N ARG A 446 -2.97 7.56 -4.41
CA ARG A 446 -3.13 6.94 -5.72
C ARG A 446 -4.24 7.60 -6.55
N ASN A 447 -4.04 7.69 -7.86
CA ASN A 447 -5.03 8.26 -8.77
C ASN A 447 -5.04 7.52 -10.08
N PHE A 448 -4.87 6.21 -9.90
CA PHE A 448 -4.86 5.31 -11.01
C PHE A 448 -6.27 5.28 -11.61
N THR A 449 -6.27 4.91 -12.88
CA THR A 449 -7.42 5.01 -13.75
C THR A 449 -8.65 4.24 -13.34
N GLY A 450 -9.68 4.98 -12.91
CA GLY A 450 -10.96 4.41 -12.48
C GLY A 450 -10.87 3.70 -11.14
N ARG A 451 -9.85 4.04 -10.34
CA ARG A 451 -9.63 3.44 -9.03
C ARG A 451 -10.65 3.80 -7.93
N ASN A 452 -11.03 5.09 -8.03
CA ASN A 452 -11.89 5.79 -7.08
C ASN A 452 -13.38 5.58 -7.15
N ASP A 453 -13.88 5.52 -8.41
CA ASP A 453 -15.31 5.40 -8.73
C ASP A 453 -15.60 4.42 -9.87
N ALA A 454 -14.55 3.79 -10.43
CA ALA A 454 -14.62 2.86 -11.56
C ALA A 454 -14.98 3.49 -12.91
N ASN A 455 -14.67 4.78 -13.02
CA ASN A 455 -14.90 5.54 -14.25
C ASN A 455 -13.51 6.00 -14.70
N PRO A 456 -13.10 5.67 -15.93
CA PRO A 456 -11.83 6.11 -16.49
C PRO A 456 -11.72 7.55 -16.89
N GLU A 457 -12.79 8.28 -17.28
CA GLU A 457 -12.58 9.68 -17.59
C GLU A 457 -12.46 10.63 -16.39
N THR A 458 -12.40 9.96 -15.23
CA THR A 458 -12.17 10.60 -13.94
C THR A 458 -10.71 10.93 -13.75
N HIS A 459 -10.49 12.24 -13.72
CA HIS A 459 -9.17 12.78 -13.57
C HIS A 459 -9.13 13.08 -12.12
N ALA A 460 -8.28 12.31 -11.45
CA ALA A 460 -8.11 12.42 -10.02
C ALA A 460 -6.76 13.06 -9.73
N PHE A 461 -6.75 14.20 -9.03
CA PHE A 461 -5.53 14.87 -8.70
C PHE A 461 -5.34 14.76 -7.21
N VAL A 462 -4.18 14.31 -6.73
CA VAL A 462 -3.95 14.21 -5.29
C VAL A 462 -3.14 15.38 -4.74
N THR A 463 -3.55 15.93 -3.59
CA THR A 463 -2.87 17.05 -2.96
C THR A 463 -3.06 17.08 -1.44
N SER A 464 -2.76 18.16 -0.70
CA SER A 464 -2.97 18.25 0.72
C SER A 464 -4.43 18.52 1.01
N PRO A 465 -4.96 18.12 2.19
CA PRO A 465 -6.37 18.26 2.50
C PRO A 465 -6.75 19.74 2.62
N GLU A 466 -5.89 20.67 3.07
CA GLU A 466 -6.19 22.09 3.10
C GLU A 466 -6.35 22.66 1.68
N ILE A 467 -5.59 22.17 0.66
CA ILE A 467 -5.72 22.52 -0.73
C ILE A 467 -6.99 21.90 -1.28
N VAL A 468 -7.37 20.69 -0.86
CA VAL A 468 -8.61 20.10 -1.34
C VAL A 468 -9.76 20.94 -0.87
N THR A 469 -9.75 21.42 0.39
CA THR A 469 -10.82 22.24 0.95
C THR A 469 -10.93 23.53 0.16
N ALA A 470 -9.88 24.36 0.15
CA ALA A 470 -9.91 25.62 -0.55
C ALA A 470 -10.33 25.41 -1.99
N LEU A 471 -9.86 24.39 -2.68
CA LEU A 471 -10.27 24.16 -4.06
C LEU A 471 -11.68 23.64 -4.27
N ALA A 472 -12.28 23.15 -3.18
CA ALA A 472 -13.64 22.64 -3.16
C ALA A 472 -14.54 23.84 -2.92
N ILE A 473 -14.12 24.81 -2.06
CA ILE A 473 -14.85 26.08 -1.80
C ILE A 473 -14.90 26.84 -3.13
N ALA A 474 -13.80 26.79 -3.88
CA ALA A 474 -13.70 27.47 -5.17
C ALA A 474 -14.29 26.77 -6.35
N GLY A 475 -14.40 25.47 -6.27
CA GLY A 475 -14.98 24.69 -7.36
C GLY A 475 -14.13 24.55 -8.62
N THR A 476 -12.93 25.13 -8.75
CA THR A 476 -12.16 25.09 -10.00
C THR A 476 -10.70 24.81 -9.82
N LEU A 477 -10.08 24.15 -10.79
CA LEU A 477 -8.63 23.90 -10.78
C LEU A 477 -7.80 25.15 -11.07
N LYS A 478 -8.41 26.32 -11.27
CA LYS A 478 -7.66 27.52 -11.51
C LYS A 478 -7.75 28.50 -10.35
N PHE A 479 -7.81 27.97 -9.13
CA PHE A 479 -7.76 28.85 -7.98
C PHE A 479 -6.45 28.51 -7.28
N ASN A 480 -5.54 29.46 -7.05
CA ASN A 480 -4.39 29.13 -6.25
C ASN A 480 -4.62 29.97 -5.00
N PRO A 481 -4.88 29.27 -3.88
CA PRO A 481 -5.10 29.84 -2.56
C PRO A 481 -4.12 30.88 -2.10
N GLU A 482 -2.87 30.83 -2.58
CA GLU A 482 -1.88 31.77 -2.11
C GLU A 482 -2.01 33.17 -2.63
N THR A 483 -2.57 33.32 -3.82
CA THR A 483 -2.69 34.66 -4.37
C THR A 483 -4.09 35.28 -4.46
N ASP A 484 -4.96 34.50 -5.14
CA ASP A 484 -6.37 34.72 -5.51
C ASP A 484 -7.57 35.15 -4.63
N PHE A 485 -8.70 35.23 -5.38
CA PHE A 485 -10.11 35.61 -5.07
C PHE A 485 -11.18 34.92 -4.19
N LEU A 486 -11.82 35.67 -3.31
CA LEU A 486 -12.94 35.24 -2.47
C LEU A 486 -13.84 36.45 -2.50
N THR A 487 -15.12 36.17 -2.30
CA THR A 487 -16.05 37.25 -2.21
C THR A 487 -16.85 37.16 -0.88
N GLY A 488 -17.70 36.14 -0.89
CA GLY A 488 -18.68 35.93 0.14
C GLY A 488 -19.94 36.61 -0.31
N LYS A 489 -21.04 36.61 0.43
CA LYS A 489 -22.12 37.47 -0.02
C LYS A 489 -21.96 38.86 0.61
N ASP A 490 -20.99 39.15 1.53
CA ASP A 490 -20.71 40.50 2.08
C ASP A 490 -19.96 41.47 1.10
N GLY A 491 -19.57 40.80 -0.04
CA GLY A 491 -18.83 41.33 -1.18
C GLY A 491 -17.32 41.46 -0.96
N LYS A 492 -16.79 41.39 0.29
CA LYS A 492 -15.42 41.74 0.69
C LYS A 492 -14.16 40.91 0.31
N LYS A 493 -13.08 41.20 1.11
CA LYS A 493 -11.70 40.72 0.99
C LYS A 493 -11.42 39.24 0.79
N PHE A 494 -11.22 39.13 -0.52
CA PHE A 494 -10.74 38.01 -1.30
C PHE A 494 -9.79 36.89 -0.84
N LYS A 495 -8.88 37.02 0.13
CA LYS A 495 -7.84 36.01 0.30
C LYS A 495 -7.94 35.14 1.53
N LEU A 496 -7.76 33.88 1.13
CA LEU A 496 -7.71 32.78 2.06
C LEU A 496 -6.35 32.74 2.72
N GLU A 497 -6.24 33.09 3.98
CA GLU A 497 -4.95 33.06 4.63
C GLU A 497 -4.49 31.63 4.90
N ALA A 498 -3.19 31.42 5.10
CA ALA A 498 -2.57 30.12 5.34
C ALA A 498 -3.09 29.39 6.56
N PRO A 499 -3.62 28.18 6.38
CA PRO A 499 -4.44 27.55 7.37
C PRO A 499 -3.60 27.18 8.56
N ASP A 500 -3.73 27.95 9.63
CA ASP A 500 -3.01 27.61 10.84
C ASP A 500 -3.71 26.54 11.64
N ALA A 501 -3.00 25.59 12.23
CA ALA A 501 -3.70 24.58 13.00
C ALA A 501 -2.90 23.94 14.10
N ASP A 502 -3.69 23.32 14.97
CA ASP A 502 -3.14 22.57 16.08
C ASP A 502 -2.76 21.20 15.58
N GLU A 503 -1.49 20.91 15.91
CA GLU A 503 -0.85 19.64 15.60
C GLU A 503 -1.48 18.44 16.25
N LEU A 504 -1.62 18.55 17.56
CA LEU A 504 -2.27 17.53 18.38
C LEU A 504 -3.36 18.15 19.23
N PRO A 505 -4.40 17.52 19.81
CA PRO A 505 -5.37 18.21 20.66
C PRO A 505 -4.66 18.84 21.86
N ARG A 506 -5.02 20.05 22.31
CA ARG A 506 -4.31 20.59 23.47
C ARG A 506 -4.79 19.97 24.78
N ALA A 507 -6.00 19.43 24.81
CA ALA A 507 -6.48 18.51 25.84
C ALA A 507 -6.06 17.05 25.51
N GLU A 508 -6.48 15.97 26.20
CA GLU A 508 -6.11 14.64 25.80
C GLU A 508 -6.99 14.20 24.66
N PHE A 509 -6.61 13.23 23.81
CA PHE A 509 -7.48 12.78 22.73
C PHE A 509 -8.71 12.09 23.35
N ASP A 510 -9.79 12.15 22.61
CA ASP A 510 -10.99 11.47 22.98
C ASP A 510 -11.02 10.12 22.23
N PRO A 511 -11.16 8.97 22.87
CA PRO A 511 -11.14 7.69 22.18
C PRO A 511 -12.39 7.27 21.46
N GLY A 512 -13.56 7.69 21.89
CA GLY A 512 -14.75 7.37 21.12
C GLY A 512 -15.43 6.07 21.46
N GLN A 513 -16.10 5.46 20.45
CA GLN A 513 -17.11 4.38 20.44
C GLN A 513 -16.91 2.95 20.97
N ASP A 514 -15.72 2.57 21.56
CA ASP A 514 -15.27 1.22 21.93
C ASP A 514 -15.12 0.39 20.66
N THR A 515 -13.93 0.25 20.03
CA THR A 515 -13.81 -0.59 18.84
C THR A 515 -12.91 -1.85 18.80
N TYR A 516 -12.06 -2.13 19.82
CA TYR A 516 -11.17 -3.29 19.81
C TYR A 516 -11.74 -4.52 20.51
N GLN A 517 -11.32 -5.69 20.01
CA GLN A 517 -11.65 -7.00 20.55
C GLN A 517 -10.41 -7.87 20.75
N HIS A 518 -10.16 -8.17 22.02
CA HIS A 518 -9.08 -9.06 22.49
C HIS A 518 -9.34 -10.49 22.03
N PRO A 519 -8.36 -11.29 21.54
CA PRO A 519 -8.41 -12.74 21.52
C PRO A 519 -8.60 -13.30 22.93
N PRO A 520 -9.67 -14.10 23.28
CA PRO A 520 -9.79 -14.83 24.57
C PRO A 520 -8.54 -15.62 24.89
N LYS A 521 -8.21 -15.76 26.18
CA LYS A 521 -7.03 -16.49 26.64
C LYS A 521 -7.04 -17.98 26.26
N ASP A 522 -8.11 -18.68 26.65
CA ASP A 522 -8.33 -20.02 26.15
C ASP A 522 -9.51 -19.87 25.19
N SER A 523 -9.11 -20.21 23.95
CA SER A 523 -9.92 -20.21 22.73
C SER A 523 -10.40 -21.60 22.29
N SER A 524 -10.45 -22.55 23.26
CA SER A 524 -10.91 -23.90 23.02
C SER A 524 -12.33 -23.80 22.53
N GLY A 525 -12.54 -24.54 21.46
CA GLY A 525 -13.85 -24.55 20.87
C GLY A 525 -14.16 -23.25 20.13
N GLN A 526 -13.16 -22.65 19.48
CA GLN A 526 -13.51 -21.63 18.50
C GLN A 526 -13.45 -22.41 17.20
N ARG A 527 -14.64 -22.56 16.62
CA ARG A 527 -14.76 -23.14 15.29
C ARG A 527 -14.81 -21.85 14.47
N VAL A 528 -13.99 -21.91 13.43
CA VAL A 528 -14.08 -20.91 12.40
C VAL A 528 -14.52 -21.80 11.23
N ALA A 529 -15.78 -21.63 10.86
CA ALA A 529 -16.34 -22.40 9.78
C ALA A 529 -16.47 -21.44 8.61
N VAL A 530 -16.23 -21.95 7.42
CA VAL A 530 -16.41 -21.21 6.18
C VAL A 530 -17.52 -22.01 5.49
N SER A 531 -18.62 -21.46 5.02
CA SER A 531 -19.73 -22.13 4.37
C SER A 531 -19.18 -22.68 3.08
N PRO A 532 -19.40 -23.95 2.74
CA PRO A 532 -19.03 -24.44 1.41
C PRO A 532 -19.77 -23.92 0.19
N THR A 533 -20.86 -23.21 0.47
CA THR A 533 -21.73 -22.54 -0.50
C THR A 533 -21.61 -21.02 -0.51
N SER A 534 -20.80 -20.43 0.39
CA SER A 534 -20.57 -19.00 0.49
C SER A 534 -20.03 -18.44 -0.78
N GLN A 535 -20.49 -17.33 -1.24
CA GLN A 535 -19.98 -16.67 -2.44
C GLN A 535 -18.92 -15.62 -2.18
N ARG A 536 -18.74 -15.34 -0.86
CA ARG A 536 -17.79 -14.37 -0.31
C ARG A 536 -16.52 -15.04 0.22
N LEU A 537 -16.65 -16.15 0.95
CA LEU A 537 -15.57 -16.92 1.57
C LEU A 537 -15.41 -18.35 1.09
N GLN A 538 -14.20 -18.69 0.63
CA GLN A 538 -13.97 -20.01 0.15
C GLN A 538 -12.57 -20.42 0.51
N LEU A 539 -12.49 -21.68 0.92
CA LEU A 539 -11.23 -22.28 1.32
C LEU A 539 -10.39 -22.42 0.08
N LEU A 540 -9.07 -22.31 0.23
CA LEU A 540 -8.14 -22.38 -0.87
C LEU A 540 -7.72 -23.80 -1.24
N GLU A 541 -7.99 -24.28 -2.45
CA GLU A 541 -7.59 -25.63 -2.80
C GLU A 541 -6.15 -25.49 -3.19
N PRO A 542 -5.19 -26.26 -2.62
CA PRO A 542 -3.78 -26.20 -2.97
C PRO A 542 -3.59 -26.30 -4.48
N PHE A 543 -2.60 -25.49 -4.92
CA PHE A 543 -2.23 -25.43 -6.31
C PHE A 543 -1.46 -26.68 -6.61
N ASP A 544 -1.46 -27.11 -7.86
CA ASP A 544 -0.73 -28.27 -8.33
C ASP A 544 0.78 -28.14 -8.11
N LYS A 545 1.47 -29.25 -7.99
CA LYS A 545 2.91 -29.24 -7.85
C LYS A 545 3.55 -29.24 -9.22
N TRP A 546 4.82 -28.84 -9.28
CA TRP A 546 5.54 -28.81 -10.53
C TRP A 546 5.81 -30.26 -10.94
N ASP A 547 5.51 -30.50 -12.22
CA ASP A 547 5.68 -31.82 -12.81
C ASP A 547 7.12 -32.15 -13.18
N GLY A 548 8.10 -31.30 -12.90
CA GLY A 548 9.48 -31.62 -13.19
C GLY A 548 9.93 -31.35 -14.62
N LYS A 549 9.00 -30.98 -15.53
CA LYS A 549 9.31 -30.76 -16.91
C LYS A 549 9.39 -29.26 -17.23
N ASP A 550 9.99 -28.92 -18.37
CA ASP A 550 10.07 -27.56 -18.86
C ASP A 550 8.70 -27.09 -19.38
N LEU A 551 8.60 -25.78 -19.65
CA LEU A 551 7.36 -25.20 -20.09
C LEU A 551 7.42 -24.93 -21.56
N GLU A 552 6.91 -25.91 -22.30
CA GLU A 552 6.90 -25.88 -23.75
C GLU A 552 5.63 -25.30 -24.34
N ASP A 553 5.82 -24.55 -25.44
CA ASP A 553 4.71 -24.05 -26.24
C ASP A 553 3.59 -23.28 -25.56
N LEU A 554 4.05 -22.38 -24.68
CA LEU A 554 3.18 -21.53 -23.92
C LEU A 554 2.50 -20.52 -24.85
N GLN A 555 1.21 -20.38 -24.61
CA GLN A 555 0.39 -19.44 -25.29
C GLN A 555 0.49 -18.09 -24.59
N ILE A 556 0.52 -16.99 -25.32
CA ILE A 556 0.49 -15.68 -24.70
C ILE A 556 -0.96 -15.28 -24.46
N LEU A 557 -1.44 -15.18 -23.20
CA LEU A 557 -2.77 -14.70 -22.92
C LEU A 557 -2.85 -13.27 -23.37
N ILE A 558 -1.95 -12.43 -22.87
CA ILE A 558 -1.83 -11.02 -23.25
C ILE A 558 -0.37 -10.56 -23.18
N LYS A 559 -0.03 -9.72 -24.17
CA LYS A 559 1.20 -8.93 -24.13
C LYS A 559 0.74 -7.53 -23.69
N VAL A 560 1.08 -7.03 -22.51
CA VAL A 560 0.55 -5.78 -22.01
C VAL A 560 1.39 -4.57 -22.42
N LYS A 561 0.78 -3.45 -22.80
CA LYS A 561 1.47 -2.24 -23.21
C LYS A 561 1.40 -1.28 -22.06
N GLY A 562 2.60 -0.87 -21.64
CA GLY A 562 2.77 0.17 -20.65
C GLY A 562 2.51 -0.14 -19.20
N LYS A 563 1.96 0.89 -18.59
CA LYS A 563 1.65 0.82 -17.18
C LYS A 563 0.56 -0.20 -16.80
N CYS A 564 1.04 -1.19 -16.03
CA CYS A 564 0.21 -2.28 -15.54
C CYS A 564 0.36 -2.47 -14.01
N THR A 565 -0.51 -1.75 -13.24
CA THR A 565 -0.59 -1.79 -11.78
C THR A 565 -1.42 -2.98 -11.31
N THR A 566 -1.47 -3.19 -9.99
CA THR A 566 -2.23 -4.30 -9.47
C THR A 566 -3.72 -4.06 -9.59
N ASP A 567 -4.10 -2.80 -9.83
CA ASP A 567 -5.47 -2.41 -10.08
C ASP A 567 -5.89 -2.73 -11.49
N HIS A 568 -4.95 -2.96 -12.40
CA HIS A 568 -5.19 -3.40 -13.76
C HIS A 568 -5.25 -4.91 -13.80
N ILE A 569 -4.50 -5.57 -12.91
CA ILE A 569 -4.45 -7.02 -12.88
C ILE A 569 -5.65 -7.58 -12.13
N SER A 570 -5.87 -6.99 -10.95
CA SER A 570 -7.00 -7.37 -10.11
C SER A 570 -7.68 -6.17 -9.46
N ALA A 571 -8.57 -5.53 -10.19
CA ALA A 571 -9.31 -4.39 -9.66
C ALA A 571 -9.97 -4.58 -8.29
N ALA A 572 -10.14 -3.48 -7.55
CA ALA A 572 -10.80 -3.42 -6.26
C ALA A 572 -12.28 -2.94 -6.40
N GLY A 573 -12.82 -1.99 -5.61
CA GLY A 573 -14.16 -1.51 -5.81
C GLY A 573 -15.15 -2.64 -5.62
N PRO A 574 -16.04 -3.05 -6.57
CA PRO A 574 -17.06 -4.11 -6.41
C PRO A 574 -16.48 -5.50 -6.20
N TRP A 575 -15.20 -5.59 -6.59
CA TRP A 575 -14.43 -6.81 -6.47
C TRP A 575 -13.97 -7.11 -5.06
N LEU A 576 -13.93 -6.15 -4.10
CA LEU A 576 -13.57 -6.48 -2.72
C LEU A 576 -14.52 -7.40 -1.97
N LYS A 577 -15.80 -7.54 -2.38
CA LYS A 577 -16.74 -8.49 -1.80
C LYS A 577 -16.31 -9.92 -2.14
N PHE A 578 -15.39 -10.18 -3.07
CA PHE A 578 -14.95 -11.55 -3.30
C PHE A 578 -13.50 -11.77 -2.87
N ARG A 579 -12.96 -11.03 -2.02
CA ARG A 579 -11.56 -11.13 -1.70
C ARG A 579 -11.31 -12.36 -0.89
N GLY A 580 -12.39 -12.98 -0.28
CA GLY A 580 -12.23 -14.27 0.36
C GLY A 580 -12.54 -15.43 -0.61
N HIS A 581 -12.94 -15.20 -1.87
CA HIS A 581 -13.29 -16.29 -2.78
C HIS A 581 -12.54 -16.24 -4.12
N LEU A 582 -11.44 -17.04 -4.19
CA LEU A 582 -10.58 -16.98 -5.35
C LEU A 582 -11.28 -17.28 -6.66
N ASP A 583 -12.29 -18.18 -6.82
CA ASP A 583 -12.81 -18.37 -8.16
C ASP A 583 -13.68 -17.19 -8.59
N ASN A 584 -14.39 -16.53 -7.67
CA ASN A 584 -15.19 -15.41 -8.06
C ASN A 584 -14.43 -14.16 -8.38
N ILE A 585 -13.31 -13.94 -7.66
CA ILE A 585 -12.53 -12.72 -7.89
C ILE A 585 -11.65 -12.82 -9.11
N SER A 586 -11.27 -14.05 -9.51
CA SER A 586 -10.51 -14.35 -10.75
C SER A 586 -11.23 -13.84 -12.04
N ASN A 587 -12.52 -13.48 -11.93
CA ASN A 587 -13.26 -12.87 -13.03
C ASN A 587 -12.88 -11.44 -13.39
N ASN A 588 -12.02 -10.81 -12.58
CA ASN A 588 -11.50 -9.50 -12.95
C ASN A 588 -10.07 -9.59 -13.50
N LEU A 589 -9.52 -10.80 -13.77
CA LEU A 589 -8.12 -10.96 -14.16
C LEU A 589 -7.80 -10.23 -15.43
N LEU A 590 -6.93 -9.27 -15.16
CA LEU A 590 -6.33 -8.40 -16.15
C LEU A 590 -7.26 -7.70 -17.09
N ILE A 591 -8.48 -7.54 -16.59
CA ILE A 591 -9.49 -6.86 -17.37
C ILE A 591 -9.06 -5.41 -17.57
N GLY A 592 -8.24 -4.79 -16.74
CA GLY A 592 -7.89 -3.40 -16.98
C GLY A 592 -6.59 -3.21 -17.76
N ALA A 593 -5.76 -4.25 -17.90
CA ALA A 593 -4.51 -4.20 -18.67
C ALA A 593 -4.76 -3.86 -20.16
N ILE A 594 -3.91 -2.99 -20.74
CA ILE A 594 -3.95 -2.66 -22.17
C ILE A 594 -3.25 -3.68 -23.09
N ASN A 595 -3.97 -4.29 -24.03
CA ASN A 595 -3.42 -5.25 -24.95
C ASN A 595 -2.61 -4.48 -25.97
N ILE A 596 -1.35 -4.81 -26.24
CA ILE A 596 -0.55 -4.09 -27.23
C ILE A 596 -1.19 -4.26 -28.61
N GLU A 597 -1.72 -5.45 -28.96
CA GLU A 597 -2.27 -5.72 -30.29
C GLU A 597 -3.32 -4.71 -30.78
N ASN A 598 -4.34 -4.35 -29.98
CA ASN A 598 -5.45 -3.48 -30.39
C ASN A 598 -5.65 -2.24 -29.53
N ARG A 599 -4.79 -2.18 -28.52
CA ARG A 599 -4.79 -1.23 -27.42
C ARG A 599 -6.11 -0.98 -26.72
N LYS A 600 -6.75 -2.12 -26.45
CA LYS A 600 -7.99 -2.15 -25.72
C LYS A 600 -7.79 -2.84 -24.37
N ALA A 601 -8.57 -2.41 -23.38
CA ALA A 601 -8.58 -3.09 -22.10
C ALA A 601 -9.57 -4.25 -22.21
N ASN A 602 -9.27 -5.49 -21.72
CA ASN A 602 -10.13 -6.66 -21.77
C ASN A 602 -10.68 -7.20 -23.12
N SER A 603 -9.90 -7.18 -24.21
CA SER A 603 -10.17 -8.06 -25.33
C SER A 603 -8.87 -8.39 -25.99
N VAL A 604 -8.71 -9.68 -25.87
CA VAL A 604 -7.57 -10.36 -26.42
C VAL A 604 -8.14 -11.42 -27.33
N ARG A 605 -7.28 -11.79 -28.26
CA ARG A 605 -7.61 -12.86 -29.23
C ARG A 605 -7.60 -14.27 -28.63
N ASN A 606 -8.70 -15.07 -28.67
CA ASN A 606 -8.62 -16.45 -28.25
C ASN A 606 -7.96 -17.16 -29.40
N ALA A 607 -6.88 -17.89 -29.11
CA ALA A 607 -6.02 -18.53 -30.09
C ALA A 607 -6.69 -19.72 -30.78
N VAL A 608 -7.67 -20.39 -30.16
CA VAL A 608 -8.35 -21.47 -30.83
C VAL A 608 -9.53 -20.96 -31.65
N THR A 609 -10.40 -20.13 -31.10
CA THR A 609 -11.64 -19.77 -31.78
C THR A 609 -11.51 -18.54 -32.66
N GLN A 610 -10.43 -17.78 -32.44
CA GLN A 610 -10.16 -16.54 -33.10
C GLN A 610 -11.20 -15.46 -32.96
N GLU A 611 -11.86 -15.50 -31.80
CA GLU A 611 -12.83 -14.49 -31.41
C GLU A 611 -12.14 -13.65 -30.34
N PHE A 612 -12.13 -12.32 -30.45
CA PHE A 612 -11.63 -11.48 -29.36
C PHE A 612 -12.65 -11.40 -28.23
N GLY A 613 -12.19 -11.38 -26.97
CA GLY A 613 -13.11 -11.30 -25.86
C GLY A 613 -12.37 -11.05 -24.55
N PRO A 614 -13.12 -11.13 -23.43
CA PRO A 614 -12.60 -10.87 -22.08
C PRO A 614 -11.38 -11.74 -21.73
N VAL A 615 -10.40 -11.11 -21.06
CA VAL A 615 -9.17 -11.77 -20.66
C VAL A 615 -9.49 -12.88 -19.66
N PRO A 616 -10.35 -12.79 -18.63
CA PRO A 616 -10.58 -13.92 -17.73
C PRO A 616 -11.21 -15.14 -18.41
N ASP A 617 -12.17 -14.92 -19.31
CA ASP A 617 -12.81 -15.97 -20.11
C ASP A 617 -11.85 -16.70 -20.99
N THR A 618 -10.93 -15.95 -21.60
CA THR A 618 -9.95 -16.54 -22.46
C THR A 618 -9.05 -17.40 -21.58
N ALA A 619 -8.67 -16.94 -20.36
CA ALA A 619 -7.78 -17.72 -19.51
C ALA A 619 -8.43 -19.02 -19.07
N ARG A 620 -9.72 -18.93 -18.76
CA ARG A 620 -10.51 -20.08 -18.36
C ARG A 620 -10.65 -21.04 -19.51
N TYR A 621 -10.87 -20.60 -20.74
CA TYR A 621 -10.93 -21.45 -21.93
C TYR A 621 -9.61 -22.18 -22.08
N TYR A 622 -8.47 -21.46 -21.88
CA TYR A 622 -7.17 -22.10 -22.05
C TYR A 622 -7.02 -23.12 -20.94
N LYS A 623 -7.33 -22.80 -19.68
CA LYS A 623 -7.15 -23.75 -18.60
C LYS A 623 -7.97 -25.02 -18.87
N GLN A 624 -9.23 -24.90 -19.30
CA GLN A 624 -10.10 -26.06 -19.49
C GLN A 624 -9.70 -26.92 -20.71
N HIS A 625 -8.87 -26.36 -21.60
CA HIS A 625 -8.41 -27.08 -22.80
C HIS A 625 -6.96 -27.57 -22.65
N GLY A 626 -6.38 -27.30 -21.47
CA GLY A 626 -5.03 -27.68 -21.16
C GLY A 626 -3.95 -26.87 -21.88
N ILE A 627 -4.24 -25.58 -22.22
CA ILE A 627 -3.31 -24.68 -22.87
C ILE A 627 -2.73 -23.77 -21.78
N ARG A 628 -1.44 -23.97 -21.49
CA ARG A 628 -0.64 -23.21 -20.53
C ARG A 628 -0.26 -21.89 -21.16
N TRP A 629 -0.17 -20.88 -20.30
CA TRP A 629 0.04 -19.54 -20.78
C TRP A 629 0.88 -18.64 -19.88
N VAL A 630 1.26 -17.52 -20.52
CA VAL A 630 2.11 -16.48 -19.94
C VAL A 630 1.52 -15.08 -20.19
N VAL A 631 1.94 -14.12 -19.34
CA VAL A 631 1.67 -12.71 -19.59
C VAL A 631 3.04 -12.18 -20.02
N ILE A 632 3.06 -11.25 -21.01
CA ILE A 632 4.29 -10.55 -21.33
C ILE A 632 4.03 -9.13 -20.90
N GLY A 633 4.87 -8.62 -20.02
CA GLY A 633 4.68 -7.28 -19.50
C GLY A 633 5.81 -6.33 -19.81
N ASP A 634 5.45 -5.07 -19.62
CA ASP A 634 6.39 -3.99 -19.84
C ASP A 634 7.17 -3.61 -18.56
N GLU A 635 7.33 -2.31 -18.20
CA GLU A 635 8.09 -1.92 -17.02
C GLU A 635 7.27 -1.81 -15.77
N ASN A 636 7.92 -2.18 -14.68
CA ASN A 636 7.37 -2.11 -13.35
C ASN A 636 5.99 -2.73 -13.29
N TYR A 637 5.91 -3.93 -13.82
CA TYR A 637 4.66 -4.65 -13.83
C TYR A 637 4.33 -5.00 -12.40
N GLY A 638 3.07 -4.71 -12.11
CA GLY A 638 2.48 -4.97 -10.81
C GLY A 638 2.67 -3.89 -9.77
N GLU A 639 2.89 -2.68 -10.27
CA GLU A 639 2.97 -1.49 -9.46
C GLU A 639 1.76 -1.24 -8.54
N GLY A 640 1.91 -0.64 -7.35
CA GLY A 640 0.76 -0.31 -6.51
C GLY A 640 0.52 -1.24 -5.33
N ALA A 641 -0.79 -1.46 -5.16
CA ALA A 641 -1.37 -2.21 -4.06
C ALA A 641 -0.73 -3.54 -3.84
N SER A 642 -0.55 -4.19 -2.65
CA SER A 642 0.01 -5.31 -2.43
C SER A 642 -0.78 -6.58 -2.58
N ARG A 643 -2.06 -6.44 -2.86
CA ARG A 643 -2.95 -7.56 -2.95
C ARG A 643 -2.42 -8.79 -3.59
N GLU A 644 -2.32 -9.89 -2.84
CA GLU A 644 -1.71 -11.06 -3.44
C GLU A 644 -2.55 -11.81 -4.48
N HIS A 645 -3.80 -11.31 -4.62
CA HIS A 645 -4.78 -11.80 -5.57
C HIS A 645 -4.32 -11.59 -6.99
N SER A 646 -3.52 -10.55 -7.18
CA SER A 646 -2.86 -10.34 -8.45
C SER A 646 -1.99 -11.48 -8.94
N ALA A 647 -1.55 -12.27 -7.96
CA ALA A 647 -0.73 -13.42 -8.19
C ALA A 647 -1.53 -14.70 -8.07
N LEU A 648 -2.53 -14.74 -7.17
CA LEU A 648 -3.34 -15.94 -6.98
C LEU A 648 -4.24 -16.27 -8.15
N GLU A 649 -4.73 -15.18 -8.77
CA GLU A 649 -5.65 -15.30 -9.89
C GLU A 649 -5.04 -15.72 -11.21
N PRO A 650 -3.94 -15.26 -11.79
CA PRO A 650 -3.32 -15.94 -12.91
C PRO A 650 -2.97 -17.40 -12.60
N ARG A 651 -2.51 -17.75 -11.39
CA ARG A 651 -2.17 -19.13 -11.05
C ARG A 651 -3.41 -20.01 -11.09
N HIS A 652 -4.50 -19.52 -10.53
CA HIS A 652 -5.70 -20.30 -10.50
C HIS A 652 -6.25 -20.46 -11.91
N LEU A 653 -6.17 -19.45 -12.79
CA LEU A 653 -6.67 -19.61 -14.16
C LEU A 653 -5.75 -20.20 -15.23
N GLY A 654 -4.71 -20.91 -14.76
CA GLY A 654 -3.82 -21.65 -15.64
C GLY A 654 -2.46 -21.07 -15.99
N GLY A 655 -2.13 -19.89 -15.46
CA GLY A 655 -0.84 -19.25 -15.67
C GLY A 655 0.33 -20.00 -15.12
N ARG A 656 1.46 -19.79 -15.76
CA ARG A 656 2.68 -20.48 -15.40
C ARG A 656 3.82 -19.49 -15.17
N ALA A 657 3.93 -18.47 -16.00
CA ALA A 657 5.01 -17.48 -15.96
C ALA A 657 4.61 -16.07 -16.41
N ILE A 658 5.21 -15.03 -15.83
CA ILE A 658 4.94 -13.69 -16.26
C ILE A 658 6.34 -13.21 -16.62
N ILE A 659 6.55 -12.74 -17.86
CA ILE A 659 7.87 -12.28 -18.32
C ILE A 659 7.70 -10.81 -18.65
N THR A 660 8.52 -9.95 -18.00
CA THR A 660 8.43 -8.49 -18.14
C THR A 660 9.79 -7.84 -18.33
N LYS A 661 9.81 -6.52 -18.55
CA LYS A 661 11.07 -5.79 -18.52
C LYS A 661 11.47 -5.57 -17.09
N SER A 662 10.53 -5.26 -16.18
CA SER A 662 10.82 -5.23 -14.72
C SER A 662 9.55 -5.32 -13.87
N PHE A 663 9.67 -5.66 -12.58
CA PHE A 663 8.54 -5.87 -11.68
C PHE A 663 8.67 -4.94 -10.50
N ALA A 664 7.50 -4.63 -9.93
CA ALA A 664 7.50 -3.94 -8.67
C ALA A 664 7.80 -5.03 -7.62
N ARG A 665 8.44 -4.64 -6.51
CA ARG A 665 8.87 -5.53 -5.45
C ARG A 665 7.85 -6.50 -4.95
N ILE A 666 6.76 -5.99 -4.37
CA ILE A 666 5.81 -6.83 -3.67
C ILE A 666 5.14 -7.73 -4.63
N HIS A 667 4.74 -7.32 -5.83
CA HIS A 667 4.05 -8.27 -6.69
C HIS A 667 4.98 -9.43 -7.10
N GLU A 668 6.28 -9.16 -7.30
CA GLU A 668 7.20 -10.19 -7.71
C GLU A 668 7.35 -11.21 -6.58
N THR A 669 7.41 -10.80 -5.30
CA THR A 669 7.43 -11.77 -4.22
C THR A 669 6.16 -12.64 -4.24
N ASN A 670 5.01 -12.07 -4.46
CA ASN A 670 3.76 -12.79 -4.50
C ASN A 670 3.66 -13.76 -5.60
N LEU A 671 4.25 -13.50 -6.77
CA LEU A 671 4.16 -14.41 -7.90
C LEU A 671 5.01 -15.59 -7.55
N LYS A 672 6.22 -15.41 -6.96
CA LYS A 672 7.02 -16.54 -6.48
C LYS A 672 6.27 -17.31 -5.38
N LYS A 673 5.50 -16.71 -4.48
CA LYS A 673 4.81 -17.37 -3.38
C LYS A 673 3.71 -18.31 -3.81
N GLN A 674 3.12 -18.00 -4.97
CA GLN A 674 2.03 -18.76 -5.53
C GLN A 674 2.44 -19.73 -6.57
N GLY A 675 3.74 -19.94 -6.73
CA GLY A 675 4.28 -20.93 -7.65
C GLY A 675 4.39 -20.48 -9.10
N LEU A 676 4.30 -19.19 -9.42
CA LEU A 676 4.51 -18.74 -10.78
C LEU A 676 5.97 -18.34 -10.91
N LEU A 677 6.38 -18.05 -12.15
CA LEU A 677 7.76 -17.70 -12.43
C LEU A 677 7.70 -16.30 -12.96
N PRO A 678 8.02 -15.32 -12.09
CA PRO A 678 8.38 -13.96 -12.50
C PRO A 678 9.77 -13.91 -13.15
N LEU A 679 9.83 -13.58 -14.45
CA LEU A 679 11.07 -13.55 -15.22
C LEU A 679 11.28 -12.18 -15.89
N THR A 680 12.54 -11.70 -16.02
CA THR A 680 12.78 -10.46 -16.71
C THR A 680 13.68 -10.68 -17.90
N PHE A 681 13.40 -9.94 -18.99
CA PHE A 681 14.26 -9.89 -20.14
C PHE A 681 15.68 -9.46 -19.73
N ALA A 682 16.71 -10.22 -20.07
CA ALA A 682 18.11 -9.81 -19.87
C ALA A 682 18.39 -8.63 -20.79
N ASP A 683 17.66 -8.55 -21.93
CA ASP A 683 17.71 -7.40 -22.80
C ASP A 683 16.26 -6.99 -23.02
N PRO A 684 15.76 -5.86 -22.44
CA PRO A 684 14.39 -5.38 -22.59
C PRO A 684 13.97 -5.11 -24.02
N ALA A 685 14.87 -4.94 -24.99
CA ALA A 685 14.45 -4.82 -26.37
C ALA A 685 13.80 -6.10 -26.90
N ASP A 686 14.08 -7.25 -26.23
CA ASP A 686 13.56 -8.57 -26.57
C ASP A 686 12.05 -8.59 -26.44
N TYR A 687 11.48 -7.68 -25.66
CA TYR A 687 10.04 -7.48 -25.57
C TYR A 687 9.45 -7.21 -26.96
N ASN A 688 10.20 -6.54 -27.82
CA ASN A 688 9.73 -6.27 -29.14
C ASN A 688 9.97 -7.42 -30.08
N LYS A 689 10.65 -8.49 -29.72
CA LYS A 689 10.79 -9.60 -30.65
C LYS A 689 9.70 -10.63 -30.45
N ILE A 690 8.91 -10.46 -29.36
CA ILE A 690 7.77 -11.30 -29.01
C ILE A 690 6.44 -10.68 -29.38
N HIS A 691 5.69 -11.31 -30.28
CA HIS A 691 4.41 -10.82 -30.77
C HIS A 691 3.32 -11.66 -30.17
N PRO A 692 2.06 -11.17 -30.04
CA PRO A 692 0.97 -11.91 -29.43
C PRO A 692 0.80 -13.37 -29.91
N VAL A 693 1.13 -13.64 -31.18
CA VAL A 693 0.97 -14.96 -31.74
C VAL A 693 2.01 -15.92 -31.36
N ASP A 694 3.23 -15.49 -31.09
CA ASP A 694 4.33 -16.43 -30.92
C ASP A 694 4.19 -17.42 -29.71
N LYS A 695 4.58 -18.71 -29.85
CA LYS A 695 4.57 -19.68 -28.74
C LYS A 695 5.91 -19.64 -28.00
N LEU A 696 6.02 -19.80 -26.67
CA LEU A 696 7.26 -19.65 -25.93
C LEU A 696 7.62 -20.92 -25.19
N THR A 697 8.85 -21.43 -25.30
CA THR A 697 9.32 -22.58 -24.51
C THR A 697 10.33 -22.07 -23.44
N ILE A 698 10.09 -22.25 -22.13
CA ILE A 698 11.05 -21.85 -21.10
C ILE A 698 11.72 -23.13 -20.85
N GLN A 699 13.00 -23.09 -21.12
CA GLN A 699 13.86 -24.24 -21.02
C GLN A 699 14.91 -24.23 -19.91
N GLY A 700 15.20 -25.46 -19.50
CA GLY A 700 16.19 -25.71 -18.48
C GLY A 700 15.70 -25.39 -17.09
N LEU A 701 14.41 -25.74 -16.85
CA LEU A 701 13.85 -25.53 -15.53
C LEU A 701 14.50 -26.56 -14.67
N LYS A 702 14.80 -27.74 -15.21
CA LYS A 702 15.47 -28.84 -14.48
C LYS A 702 16.81 -28.43 -13.77
N ASP A 703 17.41 -27.30 -14.22
CA ASP A 703 18.62 -26.74 -13.67
C ASP A 703 18.46 -25.33 -13.12
N PHE A 704 17.23 -24.98 -12.75
CA PHE A 704 16.85 -23.72 -12.18
C PHE A 704 17.75 -23.47 -11.00
N ALA A 705 18.52 -22.39 -11.04
CA ALA A 705 19.47 -22.06 -9.98
C ALA A 705 19.57 -20.56 -9.79
N PRO A 706 19.81 -20.01 -8.58
CA PRO A 706 20.02 -18.60 -8.27
C PRO A 706 21.06 -17.97 -9.15
N GLY A 707 20.88 -16.80 -9.72
CA GLY A 707 21.93 -16.19 -10.53
C GLY A 707 22.14 -16.78 -11.93
N LYS A 708 21.52 -17.92 -12.26
CA LYS A 708 21.63 -18.48 -13.60
C LYS A 708 20.43 -18.01 -14.41
N PRO A 709 20.62 -17.46 -15.61
CA PRO A 709 19.52 -17.07 -16.50
C PRO A 709 18.85 -18.29 -17.10
N LEU A 710 17.59 -18.20 -17.42
CA LEU A 710 16.88 -19.26 -18.09
C LEU A 710 16.80 -18.92 -19.56
N LYS A 711 16.77 -19.83 -20.54
CA LYS A 711 16.48 -19.38 -21.90
C LYS A 711 15.07 -19.68 -22.34
N CYS A 712 14.62 -18.80 -23.20
CA CYS A 712 13.29 -18.83 -23.76
C CYS A 712 13.36 -18.89 -25.27
N ILE A 713 12.71 -19.88 -25.86
CA ILE A 713 12.59 -19.87 -27.31
C ILE A 713 11.27 -19.18 -27.68
N ILE A 714 11.35 -18.14 -28.51
CA ILE A 714 10.23 -17.46 -29.16
C ILE A 714 9.94 -18.21 -30.46
N LYS A 715 8.97 -19.09 -30.55
CA LYS A 715 8.67 -19.81 -31.76
C LYS A 715 7.71 -19.07 -32.65
N HIS A 716 8.20 -18.39 -33.69
CA HIS A 716 7.37 -17.64 -34.63
C HIS A 716 6.49 -18.47 -35.58
N PRO A 717 5.22 -18.09 -35.86
CA PRO A 717 4.22 -18.91 -36.57
C PRO A 717 4.72 -19.60 -37.85
N ASN A 718 5.52 -18.78 -38.54
CA ASN A 718 6.27 -19.13 -39.75
C ASN A 718 7.47 -20.08 -39.63
N GLY A 719 7.61 -20.89 -38.58
CA GLY A 719 8.73 -21.80 -38.42
C GLY A 719 10.11 -21.19 -38.06
N THR A 720 10.37 -19.85 -38.07
CA THR A 720 11.62 -19.39 -37.52
C THR A 720 11.44 -19.34 -36.01
N GLN A 721 12.56 -19.36 -35.31
CA GLN A 721 12.54 -19.22 -33.87
C GLN A 721 13.80 -18.48 -33.48
N GLU A 722 13.82 -17.95 -32.25
CA GLU A 722 14.96 -17.24 -31.72
C GLU A 722 14.86 -17.38 -30.20
N THR A 723 16.09 -17.63 -29.65
CA THR A 723 16.33 -17.91 -28.24
C THR A 723 16.82 -16.64 -27.60
N ILE A 724 16.17 -16.28 -26.49
CA ILE A 724 16.58 -15.14 -25.72
C ILE A 724 16.83 -15.59 -24.31
N LEU A 725 17.46 -14.76 -23.52
CA LEU A 725 17.68 -15.13 -22.13
C LEU A 725 16.84 -14.32 -21.18
N LEU A 726 16.37 -15.00 -20.13
CA LEU A 726 15.50 -14.45 -19.10
C LEU A 726 16.17 -14.58 -17.75
N ASN A 727 16.27 -13.47 -17.04
CA ASN A 727 16.81 -13.44 -15.68
C ASN A 727 15.70 -13.65 -14.61
N HIS A 728 16.08 -14.03 -13.41
CA HIS A 728 15.15 -14.18 -12.34
C HIS A 728 15.89 -13.78 -11.05
N THR A 729 15.21 -13.45 -9.96
CA THR A 729 15.85 -13.19 -8.69
C THR A 729 15.50 -14.25 -7.64
N PHE A 730 15.23 -15.48 -8.08
CA PHE A 730 15.03 -16.61 -7.14
C PHE A 730 16.27 -17.04 -6.35
N ASN A 731 16.08 -17.24 -5.04
CA ASN A 731 17.10 -17.96 -4.31
C ASN A 731 16.57 -19.39 -4.09
N GLU A 732 17.36 -20.27 -3.47
CA GLU A 732 16.95 -21.64 -3.34
C GLU A 732 15.67 -21.89 -2.56
N THR A 733 15.41 -21.00 -1.58
CA THR A 733 14.20 -21.07 -0.82
C THR A 733 13.07 -20.90 -1.79
N GLN A 734 13.12 -19.84 -2.60
CA GLN A 734 12.07 -19.57 -3.56
C GLN A 734 12.01 -20.59 -4.66
N ILE A 735 13.11 -21.23 -5.13
CA ILE A 735 12.99 -22.25 -6.14
C ILE A 735 12.18 -23.44 -5.59
N GLU A 736 12.34 -23.69 -4.29
CA GLU A 736 11.56 -24.78 -3.71
C GLU A 736 10.09 -24.46 -3.51
N TRP A 737 9.66 -23.17 -3.51
CA TRP A 737 8.25 -22.79 -3.56
C TRP A 737 7.78 -23.17 -4.96
N PHE A 738 8.56 -22.84 -6.01
CA PHE A 738 8.18 -23.15 -7.37
C PHE A 738 8.00 -24.64 -7.56
N ARG A 739 8.96 -25.43 -7.19
CA ARG A 739 8.93 -26.86 -7.36
C ARG A 739 7.75 -27.49 -6.64
N ALA A 740 7.35 -26.98 -5.46
CA ALA A 740 6.27 -27.52 -4.66
C ALA A 740 4.90 -27.10 -5.12
N GLY A 741 4.87 -26.12 -6.05
CA GLY A 741 3.66 -25.48 -6.58
C GLY A 741 3.20 -24.16 -5.93
N SER A 742 3.71 -23.85 -4.73
CA SER A 742 3.51 -22.62 -3.98
C SER A 742 4.29 -22.69 -2.65
N ALA A 743 4.58 -21.55 -2.01
CA ALA A 743 5.26 -21.55 -0.74
C ALA A 743 4.39 -22.26 0.29
N LEU A 744 3.05 -22.31 0.12
CA LEU A 744 2.20 -23.03 1.06
C LEU A 744 2.35 -24.53 0.98
N ASN A 745 2.39 -25.09 -0.24
CA ASN A 745 2.67 -26.49 -0.48
C ASN A 745 4.07 -26.85 0.03
N ARG A 746 5.11 -26.03 -0.16
CA ARG A 746 6.42 -26.24 0.40
C ARG A 746 6.36 -26.33 1.94
N MET A 747 5.59 -25.51 2.67
CA MET A 747 5.42 -25.61 4.12
C MET A 747 4.69 -26.89 4.52
N LYS A 748 3.75 -27.33 3.68
CA LYS A 748 2.97 -28.50 3.97
C LYS A 748 3.76 -29.73 3.75
N GLU A 749 4.65 -29.82 2.77
CA GLU A 749 5.47 -31.00 2.65
C GLU A 749 6.53 -31.01 3.76
N LEU A 750 6.96 -29.88 4.36
CA LEU A 750 7.88 -29.83 5.50
C LEU A 750 7.25 -30.20 6.83
N GLN A 751 5.91 -30.15 6.93
CA GLN A 751 5.19 -30.56 8.13
C GLN A 751 4.86 -32.03 7.95
N GLN A 752 5.91 -32.78 8.27
CA GLN A 752 5.93 -34.24 8.18
C GLN A 752 5.76 -34.89 6.79
N LYS A 753 4.43 -35.05 6.52
CA LYS A 753 3.72 -35.85 5.49
C LYS A 753 3.86 -37.38 5.72
CAC FLC B . -2.52 -2.18 -0.75
CA FLC B . -4.05 -2.49 -0.73
CB FLC B . -5.21 -1.38 -0.69
CBC FLC B . -5.00 -0.21 -1.82
CG FLC B . -6.54 -2.24 -0.91
CGC FLC B . -6.43 -3.72 -1.15
OA1 FLC B . -2.06 -1.00 -1.12
OA2 FLC B . -1.76 -3.11 -0.32
OB1 FLC B . -4.72 0.97 -1.46
OB2 FLC B . -5.16 -0.49 -3.05
OG1 FLC B . -6.01 -4.08 -2.28
OG2 FLC B . -6.68 -4.45 -0.19
OHB FLC B . -5.19 -0.88 0.67
FE1 SF4 C . -4.86 4.02 2.57
FE2 SF4 C . -6.62 4.01 0.59
FE3 SF4 C . -7.18 2.48 2.76
FE4 SF4 C . -5.01 1.72 0.77
S1 SF4 C . -7.37 1.67 0.42
S2 SF4 C . -5.11 1.86 3.08
S3 SF4 C . -4.38 3.86 0.35
S4 SF4 C . -6.98 4.75 2.74
O O D . -3.06 0.76 0.54
#